data_6G6B
# 
_entry.id   6G6B 
# 
_audit_conform.dict_name       mmcif_pdbx.dic 
_audit_conform.dict_version    5.398 
_audit_conform.dict_location   http://mmcif.pdb.org/dictionaries/ascii/mmcif_pdbx.dic 
# 
loop_
_database_2.database_id 
_database_2.database_code 
_database_2.pdbx_database_accession 
_database_2.pdbx_DOI 
PDB   6G6B         pdb_00006g6b 10.2210/pdb6g6b/pdb 
WWPDB D_1200009474 ?            ?                   
# 
loop_
_pdbx_audit_revision_history.ordinal 
_pdbx_audit_revision_history.data_content_type 
_pdbx_audit_revision_history.major_revision 
_pdbx_audit_revision_history.minor_revision 
_pdbx_audit_revision_history.revision_date 
1 'Structure model' 1 0 2018-10-17 
2 'Structure model' 1 1 2024-05-08 
3 'Structure model' 1 2 2024-11-13 
# 
_pdbx_audit_revision_details.ordinal             1 
_pdbx_audit_revision_details.revision_ordinal    1 
_pdbx_audit_revision_details.data_content_type   'Structure model' 
_pdbx_audit_revision_details.provider            repository 
_pdbx_audit_revision_details.type                'Initial release' 
_pdbx_audit_revision_details.description         ? 
_pdbx_audit_revision_details.details             ? 
# 
loop_
_pdbx_audit_revision_group.ordinal 
_pdbx_audit_revision_group.revision_ordinal 
_pdbx_audit_revision_group.data_content_type 
_pdbx_audit_revision_group.group 
1 2 'Structure model' Advisory              
2 2 'Structure model' 'Data collection'     
3 2 'Structure model' 'Database references' 
4 3 'Structure model' 'Structure summary'   
# 
loop_
_pdbx_audit_revision_category.ordinal 
_pdbx_audit_revision_category.revision_ordinal 
_pdbx_audit_revision_category.data_content_type 
_pdbx_audit_revision_category.category 
1 2 'Structure model' chem_comp_atom               
2 2 'Structure model' chem_comp_bond               
3 2 'Structure model' database_2                   
4 2 'Structure model' pdbx_unobs_or_zero_occ_atoms 
5 3 'Structure model' pdbx_entry_details           
# 
loop_
_pdbx_audit_revision_item.ordinal 
_pdbx_audit_revision_item.revision_ordinal 
_pdbx_audit_revision_item.data_content_type 
_pdbx_audit_revision_item.item 
1 2 'Structure model' '_database_2.pdbx_DOI'                
2 2 'Structure model' '_database_2.pdbx_database_accession' 
# 
_pdbx_database_status.status_code                     REL 
_pdbx_database_status.status_code_sf                  REL 
_pdbx_database_status.status_code_mr                  ? 
_pdbx_database_status.entry_id                        6G6B 
_pdbx_database_status.recvd_initial_deposition_date   2018-04-01 
_pdbx_database_status.SG_entry                        N 
_pdbx_database_status.deposit_site                    PDBE 
_pdbx_database_status.process_site                    PDBE 
_pdbx_database_status.status_code_cs                  ? 
_pdbx_database_status.methods_development_category    ? 
_pdbx_database_status.pdb_format_compatible           Y 
_pdbx_database_status.status_code_nmr_data            ? 
# 
loop_
_audit_author.name 
_audit_author.pdbx_ordinal 
_audit_author.identifier_ORCID 
'Rhys, G.G.'     1 0000-0002-0247-9495 
'Brady, R.L.'    2 ?                   
'Woolfson, D.N.' 3 ?                   
# 
_citation.abstract                  ? 
_citation.abstract_id_CAS           ? 
_citation.book_id_ISBN              ? 
_citation.book_publisher            ? 
_citation.book_publisher_city       ? 
_citation.book_title                ? 
_citation.coordinate_linkage        ? 
_citation.country                   UK 
_citation.database_id_Medline       ? 
_citation.details                   ? 
_citation.id                        primary 
_citation.journal_abbrev            'Nat Commun' 
_citation.journal_id_ASTM           ? 
_citation.journal_id_CSD            ? 
_citation.journal_id_ISSN           2041-1723 
_citation.journal_full              ? 
_citation.journal_issue             ? 
_citation.journal_volume            9 
_citation.language                  ? 
_citation.page_first                4132 
_citation.page_last                 4132 
_citation.title                     'Maintaining and breaking symmetry in homomeric coiled-coil assemblies.' 
_citation.year                      2018 
_citation.database_id_CSD           ? 
_citation.pdbx_database_id_DOI      10.1038/s41467-018-06391-y 
_citation.pdbx_database_id_PubMed   30297707 
_citation.unpublished_flag          ? 
# 
loop_
_citation_author.citation_id 
_citation_author.name 
_citation_author.ordinal 
_citation_author.identifier_ORCID 
primary 'Rhys, G.G.'       1 0000-0002-0247-9495 
primary 'Wood, C.W.'       2 0000-0003-1243-3105 
primary 'Lang, E.J.M.'     3 0000-0002-3808-054X 
primary 'Mulholland, A.J.' 4 ?                   
primary 'Brady, R.L.'      5 0000-0002-3575-5513 
primary 'Thomson, A.R.'    6 0000-0002-1066-1369 
primary 'Woolfson, D.N.'   7 0000-0002-0394-3202 
# 
loop_
_entity.id 
_entity.type 
_entity.src_method 
_entity.pdbx_description 
_entity.formula_weight 
_entity.pdbx_number_of_molecules 
_entity.pdbx_ec 
_entity.pdbx_mutation 
_entity.pdbx_fragment 
_entity.details 
1 polymer syn CC-Type2-LL-L17Q 3249.842 3  ? ? ? ? 
2 water   nat water            18.015   14 ? ? ? ? 
# 
_entity_poly.entity_id                      1 
_entity_poly.type                           'polypeptide(L)' 
_entity_poly.nstd_linkage                   no 
_entity_poly.nstd_monomer                   yes 
_entity_poly.pdbx_seq_one_letter_code       '(ACE)GELAQALKELAKALKEQAWALKELAQALKG(NH2)' 
_entity_poly.pdbx_seq_one_letter_code_can   XGELAQALKELAKALKEQAWALKELAQALKGX 
_entity_poly.pdbx_strand_id                 A,B,C 
_entity_poly.pdbx_target_identifier         ? 
# 
_pdbx_entity_nonpoly.entity_id   2 
_pdbx_entity_nonpoly.name        water 
_pdbx_entity_nonpoly.comp_id     HOH 
# 
loop_
_entity_poly_seq.entity_id 
_entity_poly_seq.num 
_entity_poly_seq.mon_id 
_entity_poly_seq.hetero 
1 1  ACE n 
1 2  GLY n 
1 3  GLU n 
1 4  LEU n 
1 5  ALA n 
1 6  GLN n 
1 7  ALA n 
1 8  LEU n 
1 9  LYS n 
1 10 GLU n 
1 11 LEU n 
1 12 ALA n 
1 13 LYS n 
1 14 ALA n 
1 15 LEU n 
1 16 LYS n 
1 17 GLU n 
1 18 GLN n 
1 19 ALA n 
1 20 TRP n 
1 21 ALA n 
1 22 LEU n 
1 23 LYS n 
1 24 GLU n 
1 25 LEU n 
1 26 ALA n 
1 27 GLN n 
1 28 ALA n 
1 29 LEU n 
1 30 LYS n 
1 31 GLY n 
1 32 NH2 n 
# 
_pdbx_entity_src_syn.entity_id              1 
_pdbx_entity_src_syn.pdbx_src_id            1 
_pdbx_entity_src_syn.pdbx_alt_source_flag   sample 
_pdbx_entity_src_syn.pdbx_beg_seq_num       1 
_pdbx_entity_src_syn.pdbx_end_seq_num       32 
_pdbx_entity_src_syn.organism_scientific    'synthetic construct' 
_pdbx_entity_src_syn.organism_common_name   ? 
_pdbx_entity_src_syn.ncbi_taxonomy_id       32630 
_pdbx_entity_src_syn.details                'solid-phase peptide synthesis using the fmoc-based strategy' 
# 
loop_
_chem_comp.id 
_chem_comp.type 
_chem_comp.mon_nstd_flag 
_chem_comp.name 
_chem_comp.pdbx_synonyms 
_chem_comp.formula 
_chem_comp.formula_weight 
ACE non-polymer         . 'ACETYL GROUP'  ? 'C2 H4 O'        44.053  
ALA 'L-peptide linking' y ALANINE         ? 'C3 H7 N O2'     89.093  
GLN 'L-peptide linking' y GLUTAMINE       ? 'C5 H10 N2 O3'   146.144 
GLU 'L-peptide linking' y 'GLUTAMIC ACID' ? 'C5 H9 N O4'     147.129 
GLY 'peptide linking'   y GLYCINE         ? 'C2 H5 N O2'     75.067  
HOH non-polymer         . WATER           ? 'H2 O'           18.015  
LEU 'L-peptide linking' y LEUCINE         ? 'C6 H13 N O2'    131.173 
LYS 'L-peptide linking' y LYSINE          ? 'C6 H15 N2 O2 1' 147.195 
NH2 non-polymer         . 'AMINO GROUP'   ? 'H2 N'           16.023  
TRP 'L-peptide linking' y TRYPTOPHAN      ? 'C11 H12 N2 O2'  204.225 
# 
loop_
_pdbx_poly_seq_scheme.asym_id 
_pdbx_poly_seq_scheme.entity_id 
_pdbx_poly_seq_scheme.seq_id 
_pdbx_poly_seq_scheme.mon_id 
_pdbx_poly_seq_scheme.ndb_seq_num 
_pdbx_poly_seq_scheme.pdb_seq_num 
_pdbx_poly_seq_scheme.auth_seq_num 
_pdbx_poly_seq_scheme.pdb_mon_id 
_pdbx_poly_seq_scheme.auth_mon_id 
_pdbx_poly_seq_scheme.pdb_strand_id 
_pdbx_poly_seq_scheme.pdb_ins_code 
_pdbx_poly_seq_scheme.hetero 
A 1 1  ACE 1  0  ?  ?   ?   A . n 
A 1 2  GLY 2  1  1  GLY GLY A . n 
A 1 3  GLU 3  2  2  GLU GLU A . n 
A 1 4  LEU 4  3  3  LEU LEU A . n 
A 1 5  ALA 5  4  4  ALA ALA A . n 
A 1 6  GLN 6  5  5  GLN GLN A . n 
A 1 7  ALA 7  6  6  ALA ALA A . n 
A 1 8  LEU 8  7  7  LEU LEU A . n 
A 1 9  LYS 9  8  8  LYS LYS A . n 
A 1 10 GLU 10 9  9  GLU GLU A . n 
A 1 11 LEU 11 10 10 LEU LEU A . n 
A 1 12 ALA 12 11 11 ALA ALA A . n 
A 1 13 LYS 13 12 12 LYS LYS A . n 
A 1 14 ALA 14 13 13 ALA ALA A . n 
A 1 15 LEU 15 14 14 LEU LEU A . n 
A 1 16 LYS 16 15 15 LYS LYS A . n 
A 1 17 GLU 17 16 16 GLU GLU A . n 
A 1 18 GLN 18 17 17 GLN GLN A . n 
A 1 19 ALA 19 18 18 ALA ALA A . n 
A 1 20 TRP 20 19 19 TRP TRP A . n 
A 1 21 ALA 21 20 20 ALA ALA A . n 
A 1 22 LEU 22 21 21 LEU LEU A . n 
A 1 23 LYS 23 22 22 LYS LYS A . n 
A 1 24 GLU 24 23 23 GLU GLU A . n 
A 1 25 LEU 25 24 24 LEU LEU A . n 
A 1 26 ALA 26 25 25 ALA ALA A . n 
A 1 27 GLN 27 26 26 GLN GLN A . n 
A 1 28 ALA 28 27 27 ALA ALA A . n 
A 1 29 LEU 29 28 28 LEU LEU A . n 
A 1 30 LYS 30 29 29 LYS LYS A . n 
A 1 31 GLY 31 30 30 GLY GLY A . n 
A 1 32 NH2 32 31 ?  ?   ?   A . n 
B 1 1  ACE 1  0  ?  ?   ?   B . n 
B 1 2  GLY 2  1  1  GLY GLY B . n 
B 1 3  GLU 3  2  2  GLU GLU B . n 
B 1 4  LEU 4  3  3  LEU LEU B . n 
B 1 5  ALA 5  4  4  ALA ALA B . n 
B 1 6  GLN 6  5  5  GLN GLN B . n 
B 1 7  ALA 7  6  6  ALA ALA B . n 
B 1 8  LEU 8  7  7  LEU LEU B . n 
B 1 9  LYS 9  8  8  LYS LYS B . n 
B 1 10 GLU 10 9  9  GLU GLU B . n 
B 1 11 LEU 11 10 10 LEU LEU B . n 
B 1 12 ALA 12 11 11 ALA ALA B . n 
B 1 13 LYS 13 12 12 LYS LYS B . n 
B 1 14 ALA 14 13 13 ALA ALA B . n 
B 1 15 LEU 15 14 14 LEU LEU B . n 
B 1 16 LYS 16 15 15 LYS LYS B . n 
B 1 17 GLU 17 16 16 GLU GLU B . n 
B 1 18 GLN 18 17 17 GLN GLN B . n 
B 1 19 ALA 19 18 18 ALA ALA B . n 
B 1 20 TRP 20 19 19 TRP TRP B . n 
B 1 21 ALA 21 20 20 ALA ALA B . n 
B 1 22 LEU 22 21 21 LEU LEU B . n 
B 1 23 LYS 23 22 22 LYS LYS B . n 
B 1 24 GLU 24 23 23 GLU GLU B . n 
B 1 25 LEU 25 24 24 LEU LEU B . n 
B 1 26 ALA 26 25 25 ALA ALA B . n 
B 1 27 GLN 27 26 26 GLN GLN B . n 
B 1 28 ALA 28 27 27 ALA ALA B . n 
B 1 29 LEU 29 28 28 LEU LEU B . n 
B 1 30 LYS 30 29 29 LYS LYS B . n 
B 1 31 GLY 31 30 ?  ?   ?   B . n 
B 1 32 NH2 32 31 ?  ?   ?   B . n 
C 1 1  ACE 1  0  ?  ?   ?   C . n 
C 1 2  GLY 2  1  1  GLY GLY C . n 
C 1 3  GLU 3  2  2  GLU GLU C . n 
C 1 4  LEU 4  3  3  LEU LEU C . n 
C 1 5  ALA 5  4  4  ALA ALA C . n 
C 1 6  GLN 6  5  5  GLN GLN C . n 
C 1 7  ALA 7  6  6  ALA ALA C . n 
C 1 8  LEU 8  7  7  LEU LEU C . n 
C 1 9  LYS 9  8  8  LYS LYS C . n 
C 1 10 GLU 10 9  9  GLU GLU C . n 
C 1 11 LEU 11 10 10 LEU LEU C . n 
C 1 12 ALA 12 11 11 ALA ALA C . n 
C 1 13 LYS 13 12 12 LYS LYS C . n 
C 1 14 ALA 14 13 13 ALA ALA C . n 
C 1 15 LEU 15 14 14 LEU LEU C . n 
C 1 16 LYS 16 15 15 LYS LYS C . n 
C 1 17 GLU 17 16 16 GLU GLU C . n 
C 1 18 GLN 18 17 17 GLN GLN C . n 
C 1 19 ALA 19 18 18 ALA ALA C . n 
C 1 20 TRP 20 19 19 TRP TRP C . n 
C 1 21 ALA 21 20 20 ALA ALA C . n 
C 1 22 LEU 22 21 21 LEU LEU C . n 
C 1 23 LYS 23 22 22 LYS LYS C . n 
C 1 24 GLU 24 23 23 GLU GLU C . n 
C 1 25 LEU 25 24 24 LEU LEU C . n 
C 1 26 ALA 26 25 25 ALA ALA C . n 
C 1 27 GLN 27 26 26 GLN GLN C . n 
C 1 28 ALA 28 27 27 ALA ALA C . n 
C 1 29 LEU 29 28 28 LEU LEU C . n 
C 1 30 LYS 30 29 29 LYS LYS C . n 
C 1 31 GLY 31 30 ?  ?   ?   C . n 
C 1 32 NH2 32 31 ?  ?   ?   C . n 
# 
loop_
_pdbx_nonpoly_scheme.asym_id 
_pdbx_nonpoly_scheme.entity_id 
_pdbx_nonpoly_scheme.mon_id 
_pdbx_nonpoly_scheme.ndb_seq_num 
_pdbx_nonpoly_scheme.pdb_seq_num 
_pdbx_nonpoly_scheme.auth_seq_num 
_pdbx_nonpoly_scheme.pdb_mon_id 
_pdbx_nonpoly_scheme.auth_mon_id 
_pdbx_nonpoly_scheme.pdb_strand_id 
_pdbx_nonpoly_scheme.pdb_ins_code 
D 2 HOH 1 101 3  HOH HOH A . 
D 2 HOH 2 102 2  HOH HOH A . 
D 2 HOH 3 103 13 HOH HOH A . 
D 2 HOH 4 104 10 HOH HOH A . 
D 2 HOH 5 105 9  HOH HOH A . 
D 2 HOH 6 106 14 HOH HOH A . 
E 2 HOH 1 101 5  HOH HOH B . 
E 2 HOH 2 102 12 HOH HOH B . 
E 2 HOH 3 103 4  HOH HOH B . 
E 2 HOH 4 104 8  HOH HOH B . 
F 2 HOH 1 101 1  HOH HOH C . 
F 2 HOH 2 102 7  HOH HOH C . 
F 2 HOH 3 103 11 HOH HOH C . 
F 2 HOH 4 104 6  HOH HOH C . 
# 
loop_
_pdbx_unobs_or_zero_occ_atoms.id 
_pdbx_unobs_or_zero_occ_atoms.PDB_model_num 
_pdbx_unobs_or_zero_occ_atoms.polymer_flag 
_pdbx_unobs_or_zero_occ_atoms.occupancy_flag 
_pdbx_unobs_or_zero_occ_atoms.auth_asym_id 
_pdbx_unobs_or_zero_occ_atoms.auth_comp_id 
_pdbx_unobs_or_zero_occ_atoms.auth_seq_id 
_pdbx_unobs_or_zero_occ_atoms.PDB_ins_code 
_pdbx_unobs_or_zero_occ_atoms.auth_atom_id 
_pdbx_unobs_or_zero_occ_atoms.label_alt_id 
_pdbx_unobs_or_zero_occ_atoms.label_asym_id 
_pdbx_unobs_or_zero_occ_atoms.label_comp_id 
_pdbx_unobs_or_zero_occ_atoms.label_seq_id 
_pdbx_unobs_or_zero_occ_atoms.label_atom_id 
1  1 Y 0 A GLU 2  ? CG  ? A GLU 3  CG  
2  1 Y 0 A GLU 2  ? CD  ? A GLU 3  CD  
3  1 Y 0 A GLU 2  ? OE1 ? A GLU 3  OE1 
4  1 Y 0 A GLU 2  ? OE2 ? A GLU 3  OE2 
5  1 Y 0 A LYS 8  ? CD  ? A LYS 9  CD  
6  1 Y 0 A LYS 8  ? CE  ? A LYS 9  CE  
7  1 Y 0 A LYS 8  ? NZ  ? A LYS 9  NZ  
8  1 Y 0 A LYS 12 ? CD  ? A LYS 13 CD  
9  1 Y 0 A LYS 12 ? CE  ? A LYS 13 CE  
10 1 Y 0 A LYS 12 ? NZ  ? A LYS 13 NZ  
11 1 Y 0 A LYS 15 ? CD  ? A LYS 16 CD  
12 1 Y 0 A LYS 15 ? CE  ? A LYS 16 CE  
13 1 Y 0 A LYS 15 ? NZ  ? A LYS 16 NZ  
14 1 Y 0 A LYS 22 ? NZ  ? A LYS 23 NZ  
15 1 Y 0 A LYS 29 ? NZ  ? A LYS 30 NZ  
16 1 Y 0 A GLY 30 ? C   ? A GLY 31 C   
17 1 Y 0 A GLY 30 ? O   ? A GLY 31 O   
18 1 Y 0 B GLY 1  ? N   ? B GLY 2  N   
19 1 Y 0 B GLY 1  ? CA  ? B GLY 2  CA  
20 1 Y 0 B LYS 8  ? CB  ? B LYS 9  CB  
21 1 Y 0 B LYS 8  ? CG  ? B LYS 9  CG  
22 1 Y 0 B LYS 8  ? CD  ? B LYS 9  CD  
23 1 Y 0 B LYS 8  ? CE  ? B LYS 9  CE  
24 1 Y 0 B LYS 8  ? NZ  ? B LYS 9  NZ  
25 1 Y 0 B LYS 12 ? CG  ? B LYS 13 CG  
26 1 Y 0 B LYS 12 ? CD  ? B LYS 13 CD  
27 1 Y 0 B LYS 12 ? CE  ? B LYS 13 CE  
28 1 Y 0 B LYS 12 ? NZ  ? B LYS 13 NZ  
29 1 Y 0 B LYS 15 ? CE  ? B LYS 16 CE  
30 1 Y 0 B LYS 15 ? NZ  ? B LYS 16 NZ  
31 1 Y 0 B LYS 22 ? CE  ? B LYS 23 CE  
32 1 Y 0 B LYS 22 ? NZ  ? B LYS 23 NZ  
33 1 Y 0 B LYS 29 ? CD  ? B LYS 30 CD  
34 1 Y 0 B LYS 29 ? CE  ? B LYS 30 CE  
35 1 Y 0 B LYS 29 ? NZ  ? B LYS 30 NZ  
36 1 Y 0 C GLU 2  ? CB  ? C GLU 3  CB  
37 1 Y 0 C GLU 2  ? CG  ? C GLU 3  CG  
38 1 Y 0 C GLU 2  ? CD  ? C GLU 3  CD  
39 1 Y 0 C GLU 2  ? OE1 ? C GLU 3  OE1 
40 1 Y 0 C GLU 2  ? OE2 ? C GLU 3  OE2 
41 1 Y 0 C LEU 3  ? CG  ? C LEU 4  CG  
42 1 Y 0 C LEU 3  ? CD1 ? C LEU 4  CD1 
43 1 Y 0 C LEU 3  ? CD2 ? C LEU 4  CD2 
44 1 Y 0 C GLN 5  ? OE1 ? C GLN 6  OE1 
45 1 Y 0 C GLN 5  ? NE2 ? C GLN 6  NE2 
46 1 Y 0 C LYS 8  ? CG  ? C LYS 9  CG  
47 1 Y 0 C LYS 8  ? CD  ? C LYS 9  CD  
48 1 Y 0 C LYS 8  ? CE  ? C LYS 9  CE  
49 1 Y 0 C LYS 8  ? NZ  ? C LYS 9  NZ  
50 1 Y 0 C GLU 9  ? OE1 ? C GLU 10 OE1 
51 1 Y 0 C GLU 9  ? OE2 ? C GLU 10 OE2 
52 1 Y 0 C LYS 15 ? CE  ? C LYS 16 CE  
53 1 Y 0 C LYS 15 ? NZ  ? C LYS 16 NZ  
54 1 Y 0 C LYS 22 ? CE  ? C LYS 23 CE  
55 1 Y 0 C LYS 22 ? NZ  ? C LYS 23 NZ  
56 1 Y 0 C GLN 26 ? CG  ? C GLN 27 CG  
57 1 Y 0 C GLN 26 ? CD  ? C GLN 27 CD  
58 1 Y 0 C GLN 26 ? OE1 ? C GLN 27 OE1 
59 1 Y 0 C GLN 26 ? NE2 ? C GLN 27 NE2 
60 1 Y 0 C LYS 29 ? CE  ? C LYS 30 CE  
61 1 Y 0 C LYS 29 ? NZ  ? C LYS 30 NZ  
# 
loop_
_software.citation_id 
_software.classification 
_software.compiler_name 
_software.compiler_version 
_software.contact_author 
_software.contact_author_email 
_software.date 
_software.description 
_software.dependencies 
_software.hardware 
_software.language 
_software.location 
_software.mods 
_software.name 
_software.os 
_software.os_version 
_software.type 
_software.version 
_software.pdbx_ordinal 
? 'data reduction'  ? ? ? ? ? ? ? ? ? ? ? iMOSFLM     ? ? ? .        1 
? 'data scaling'    ? ? ? ? ? ? ? ? ? ? ? Aimless     ? ? ? 0.5.25   2 
? phasing           ? ? ? ? ? ? ? ? ? ? ? PHASER      ? ? ? 2.6.1    3 
? refinement        ? ? ? ? ? ? ? ? ? ? ? PHENIX      ? ? ? 1.9_1692 4 
? 'data extraction' ? ? ? ? ? ? ? ? ? ? ? PDB_EXTRACT ? ? ? 3.24     5 
# 
_cell.angle_alpha                  90.000 
_cell.angle_alpha_esd              ? 
_cell.angle_beta                   90.000 
_cell.angle_beta_esd               ? 
_cell.angle_gamma                  90.000 
_cell.angle_gamma_esd              ? 
_cell.entry_id                     6G6B 
_cell.details                      ? 
_cell.formula_units_Z              ? 
_cell.length_a                     104.790 
_cell.length_a_esd                 ? 
_cell.length_b                     104.790 
_cell.length_b_esd                 ? 
_cell.length_c                     104.790 
_cell.length_c_esd                 ? 
_cell.volume                       ? 
_cell.volume_esd                   ? 
_cell.Z_PDB                        72 
_cell.reciprocal_angle_alpha       ? 
_cell.reciprocal_angle_beta        ? 
_cell.reciprocal_angle_gamma       ? 
_cell.reciprocal_angle_alpha_esd   ? 
_cell.reciprocal_angle_beta_esd    ? 
_cell.reciprocal_angle_gamma_esd   ? 
_cell.reciprocal_length_a          ? 
_cell.reciprocal_length_b          ? 
_cell.reciprocal_length_c          ? 
_cell.reciprocal_length_a_esd      ? 
_cell.reciprocal_length_b_esd      ? 
_cell.reciprocal_length_c_esd      ? 
_cell.pdbx_unique_axis             ? 
# 
_symmetry.entry_id                         6G6B 
_symmetry.cell_setting                     ? 
_symmetry.Int_Tables_number                213 
_symmetry.space_group_name_Hall            ? 
_symmetry.space_group_name_H-M             'P 41 3 2' 
_symmetry.pdbx_full_space_group_name_H-M   ? 
# 
_exptl.absorpt_coefficient_mu     ? 
_exptl.absorpt_correction_T_max   ? 
_exptl.absorpt_correction_T_min   ? 
_exptl.absorpt_correction_type    ? 
_exptl.absorpt_process_details    ? 
_exptl.entry_id                   6G6B 
_exptl.crystals_number            1 
_exptl.details                    ? 
_exptl.method                     'X-RAY DIFFRACTION' 
_exptl.method_details             ? 
# 
_exptl_crystal.colour                      ? 
_exptl_crystal.density_diffrn              ? 
_exptl_crystal.density_Matthews            4.92 
_exptl_crystal.density_method              ? 
_exptl_crystal.density_percent_sol         74.99 
_exptl_crystal.description                 ? 
_exptl_crystal.F_000                       ? 
_exptl_crystal.id                          1 
_exptl_crystal.preparation                 ? 
_exptl_crystal.size_max                    ? 
_exptl_crystal.size_mid                    ? 
_exptl_crystal.size_min                    ? 
_exptl_crystal.size_rad                    ? 
_exptl_crystal.colour_lustre               ? 
_exptl_crystal.colour_modifier             ? 
_exptl_crystal.colour_primary              ? 
_exptl_crystal.density_meas                ? 
_exptl_crystal.density_meas_esd            ? 
_exptl_crystal.density_meas_gt             ? 
_exptl_crystal.density_meas_lt             ? 
_exptl_crystal.density_meas_temp           ? 
_exptl_crystal.density_meas_temp_esd       ? 
_exptl_crystal.density_meas_temp_gt        ? 
_exptl_crystal.density_meas_temp_lt        ? 
_exptl_crystal.pdbx_crystal_image_url      ? 
_exptl_crystal.pdbx_crystal_image_format   ? 
_exptl_crystal.pdbx_mosaicity              0.250 
_exptl_crystal.pdbx_mosaicity_esd          ? 
# 
_exptl_crystal_grow.apparatus       ? 
_exptl_crystal_grow.atmosphere      ? 
_exptl_crystal_grow.crystal_id      1 
_exptl_crystal_grow.details         ? 
_exptl_crystal_grow.method          'VAPOR DIFFUSION, SITTING DROP' 
_exptl_crystal_grow.method_ref      ? 
_exptl_crystal_grow.pH              9.0 
_exptl_crystal_grow.pressure        ? 
_exptl_crystal_grow.pressure_esd    ? 
_exptl_crystal_grow.seeding         ? 
_exptl_crystal_grow.seeding_ref     ? 
_exptl_crystal_grow.temp            293 
_exptl_crystal_grow.temp_details    ? 
_exptl_crystal_grow.temp_esd        ? 
_exptl_crystal_grow.time            ? 
_exptl_crystal_grow.pdbx_details    
'50 mM SPG Buffer (Succinic acid, Sodium phosphate monobasic monohydrate and Glycine) and 12.5% w/v PEG 1500' 
_exptl_crystal_grow.pdbx_pH_range   ? 
# 
_diffrn.ambient_environment    ? 
_diffrn.ambient_temp           80 
_diffrn.ambient_temp_details   ? 
_diffrn.ambient_temp_esd       ? 
_diffrn.crystal_id             1 
_diffrn.crystal_support        ? 
_diffrn.crystal_treatment      ? 
_diffrn.details                ? 
_diffrn.id                     1 
_diffrn.ambient_pressure       ? 
_diffrn.ambient_pressure_esd   ? 
_diffrn.ambient_pressure_gt    ? 
_diffrn.ambient_pressure_lt    ? 
_diffrn.ambient_temp_gt        ? 
_diffrn.ambient_temp_lt        ? 
# 
_diffrn_detector.details                      ? 
_diffrn_detector.detector                     PIXEL 
_diffrn_detector.diffrn_id                    1 
_diffrn_detector.type                         'DECTRIS PILATUS 6M-F' 
_diffrn_detector.area_resol_mean              ? 
_diffrn_detector.dtime                        ? 
_diffrn_detector.pdbx_frames_total            ? 
_diffrn_detector.pdbx_collection_time_total   ? 
_diffrn_detector.pdbx_collection_date         2016-06-19 
# 
_diffrn_radiation.collimation                      ? 
_diffrn_radiation.diffrn_id                        1 
_diffrn_radiation.filter_edge                      ? 
_diffrn_radiation.inhomogeneity                    ? 
_diffrn_radiation.monochromator                    ? 
_diffrn_radiation.polarisn_norm                    ? 
_diffrn_radiation.polarisn_ratio                   ? 
_diffrn_radiation.probe                            ? 
_diffrn_radiation.type                             ? 
_diffrn_radiation.xray_symbol                      ? 
_diffrn_radiation.wavelength_id                    1 
_diffrn_radiation.pdbx_monochromatic_or_laue_m_l   M 
_diffrn_radiation.pdbx_wavelength_list             ? 
_diffrn_radiation.pdbx_wavelength                  ? 
_diffrn_radiation.pdbx_diffrn_protocol             'SINGLE WAVELENGTH' 
_diffrn_radiation.pdbx_analyzer                    ? 
_diffrn_radiation.pdbx_scattering_type             x-ray 
# 
_diffrn_radiation_wavelength.id           1 
_diffrn_radiation_wavelength.wavelength   0.92819 
_diffrn_radiation_wavelength.wt           1.0 
# 
_diffrn_source.current                     ? 
_diffrn_source.details                     ? 
_diffrn_source.diffrn_id                   1 
_diffrn_source.power                       ? 
_diffrn_source.size                        ? 
_diffrn_source.source                      SYNCHROTRON 
_diffrn_source.target                      ? 
_diffrn_source.type                        'DIAMOND BEAMLINE I04-1' 
_diffrn_source.voltage                     ? 
_diffrn_source.take-off_angle              ? 
_diffrn_source.pdbx_wavelength_list        0.92819 
_diffrn_source.pdbx_wavelength             ? 
_diffrn_source.pdbx_synchrotron_beamline   I04-1 
_diffrn_source.pdbx_synchrotron_site       Diamond 
# 
_reflns.B_iso_Wilson_estimate            53.460 
_reflns.entry_id                         6G6B 
_reflns.data_reduction_details           ? 
_reflns.data_reduction_method            ? 
_reflns.d_resolution_high                2.300 
_reflns.d_resolution_low                 74.100 
_reflns.details                          ? 
_reflns.limit_h_max                      ? 
_reflns.limit_h_min                      ? 
_reflns.limit_k_max                      ? 
_reflns.limit_k_min                      ? 
_reflns.limit_l_max                      ? 
_reflns.limit_l_min                      ? 
_reflns.number_all                       ? 
_reflns.number_obs                       9275 
_reflns.observed_criterion               ? 
_reflns.observed_criterion_F_max         ? 
_reflns.observed_criterion_F_min         ? 
_reflns.observed_criterion_I_max         ? 
_reflns.observed_criterion_I_min         ? 
_reflns.observed_criterion_sigma_F       ? 
_reflns.observed_criterion_sigma_I       ? 
_reflns.percent_possible_obs             100.000 
_reflns.R_free_details                   ? 
_reflns.Rmerge_F_all                     ? 
_reflns.Rmerge_F_obs                     ? 
_reflns.Friedel_coverage                 ? 
_reflns.number_gt                        ? 
_reflns.threshold_expression             ? 
_reflns.pdbx_redundancy                  65.400 
_reflns.pdbx_Rmerge_I_obs                0.082 
_reflns.pdbx_Rmerge_I_all                ? 
_reflns.pdbx_Rsym_value                  ? 
_reflns.pdbx_netI_over_av_sigmaI         ? 
_reflns.pdbx_netI_over_sigmaI            38.000 
_reflns.pdbx_res_netI_over_av_sigmaI_2   ? 
_reflns.pdbx_res_netI_over_sigmaI_2      ? 
_reflns.pdbx_chi_squared                 ? 
_reflns.pdbx_scaling_rejects             6 
_reflns.pdbx_d_res_high_opt              ? 
_reflns.pdbx_d_res_low_opt               ? 
_reflns.pdbx_d_res_opt_method            ? 
_reflns.phase_calculation_details        ? 
_reflns.pdbx_Rrim_I_all                  0.083 
_reflns.pdbx_Rpim_I_all                  0.010 
_reflns.pdbx_d_opt                       ? 
_reflns.pdbx_number_measured_all         607009 
_reflns.pdbx_diffrn_id                   1 
_reflns.pdbx_ordinal                     1 
_reflns.pdbx_CC_half                     1.000 
_reflns.pdbx_R_split                     ? 
# 
loop_
_reflns_shell.d_res_high 
_reflns_shell.d_res_low 
_reflns_shell.meanI_over_sigI_all 
_reflns_shell.meanI_over_sigI_obs 
_reflns_shell.number_measured_all 
_reflns_shell.number_measured_obs 
_reflns_shell.number_possible 
_reflns_shell.number_unique_all 
_reflns_shell.number_unique_obs 
_reflns_shell.percent_possible_all 
_reflns_shell.percent_possible_obs 
_reflns_shell.Rmerge_F_all 
_reflns_shell.Rmerge_F_obs 
_reflns_shell.Rmerge_I_all 
_reflns_shell.Rmerge_I_obs 
_reflns_shell.meanI_over_sigI_gt 
_reflns_shell.meanI_over_uI_all 
_reflns_shell.meanI_over_uI_gt 
_reflns_shell.number_measured_gt 
_reflns_shell.number_unique_gt 
_reflns_shell.percent_possible_gt 
_reflns_shell.Rmerge_F_gt 
_reflns_shell.Rmerge_I_gt 
_reflns_shell.pdbx_redundancy 
_reflns_shell.pdbx_Rsym_value 
_reflns_shell.pdbx_chi_squared 
_reflns_shell.pdbx_netI_over_sigmaI_all 
_reflns_shell.pdbx_netI_over_sigmaI_obs 
_reflns_shell.pdbx_Rrim_I_all 
_reflns_shell.pdbx_Rpim_I_all 
_reflns_shell.pdbx_rejects 
_reflns_shell.pdbx_ordinal 
_reflns_shell.pdbx_diffrn_id 
_reflns_shell.pdbx_CC_half 
_reflns_shell.pdbx_R_split 
2.300 2.380  ? ? ? ? ? ? 897 100.000 ? ? ? ? 1.365 ? ? ? ? ? ? ? ? 56.100 ? ? ? ? 1.378 0.182 ? 1 1 0.887 ? 
8.910 74.100 ? ? ? ? ? ? 216 100.000 ? ? ? ? 0.031 ? ? ? ? ? ? ? ? 50.800 ? ? ? ? 0.031 0.004 ? 2 1 1.000 ? 
# 
_refine.aniso_B[1][1]                            ? 
_refine.aniso_B[1][2]                            ? 
_refine.aniso_B[1][3]                            ? 
_refine.aniso_B[2][2]                            ? 
_refine.aniso_B[2][3]                            ? 
_refine.aniso_B[3][3]                            ? 
_refine.B_iso_max                                131.370 
_refine.B_iso_mean                               60.5363 
_refine.B_iso_min                                36.110 
_refine.correlation_coeff_Fo_to_Fc               ? 
_refine.correlation_coeff_Fo_to_Fc_free          ? 
_refine.details                                  ? 
_refine.diff_density_max                         ? 
_refine.diff_density_max_esd                     ? 
_refine.diff_density_min                         ? 
_refine.diff_density_min_esd                     ? 
_refine.diff_density_rms                         ? 
_refine.diff_density_rms_esd                     ? 
_refine.entry_id                                 6G6B 
_refine.pdbx_refine_id                           'X-RAY DIFFRACTION' 
_refine.ls_abs_structure_details                 ? 
_refine.ls_abs_structure_Flack                   ? 
_refine.ls_abs_structure_Flack_esd               ? 
_refine.ls_abs_structure_Rogers                  ? 
_refine.ls_abs_structure_Rogers_esd              ? 
_refine.ls_d_res_high                            2.3000 
_refine.ls_d_res_low                             74.0980 
_refine.ls_extinction_coef                       ? 
_refine.ls_extinction_coef_esd                   ? 
_refine.ls_extinction_expression                 ? 
_refine.ls_extinction_method                     ? 
_refine.ls_goodness_of_fit_all                   ? 
_refine.ls_goodness_of_fit_all_esd               ? 
_refine.ls_goodness_of_fit_obs                   ? 
_refine.ls_goodness_of_fit_obs_esd               ? 
_refine.ls_hydrogen_treatment                    ? 
_refine.ls_matrix_type                           ? 
_refine.ls_number_constraints                    ? 
_refine.ls_number_parameters                     ? 
_refine.ls_number_reflns_all                     ? 
_refine.ls_number_reflns_obs                     9242 
_refine.ls_number_reflns_R_free                  453 
_refine.ls_number_reflns_R_work                  ? 
_refine.ls_number_restraints                     ? 
_refine.ls_percent_reflns_obs                    100.0000 
_refine.ls_percent_reflns_R_free                 4.9000 
_refine.ls_R_factor_all                          ? 
_refine.ls_R_factor_obs                          0.2182 
_refine.ls_R_factor_R_free                       0.2486 
_refine.ls_R_factor_R_free_error                 ? 
_refine.ls_R_factor_R_free_error_details         ? 
_refine.ls_R_factor_R_work                       0.2165 
_refine.ls_R_Fsqd_factor_obs                     ? 
_refine.ls_R_I_factor_obs                        ? 
_refine.ls_redundancy_reflns_all                 ? 
_refine.ls_redundancy_reflns_obs                 ? 
_refine.ls_restrained_S_all                      ? 
_refine.ls_restrained_S_obs                      ? 
_refine.ls_shift_over_esd_max                    ? 
_refine.ls_shift_over_esd_mean                   ? 
_refine.ls_structure_factor_coef                 ? 
_refine.ls_weighting_details                     ? 
_refine.ls_weighting_scheme                      ? 
_refine.ls_wR_factor_all                         ? 
_refine.ls_wR_factor_obs                         ? 
_refine.ls_wR_factor_R_free                      ? 
_refine.ls_wR_factor_R_work                      ? 
_refine.occupancy_max                            ? 
_refine.occupancy_min                            ? 
_refine.solvent_model_details                    ? 
_refine.solvent_model_param_bsol                 ? 
_refine.solvent_model_param_ksol                 ? 
_refine.ls_R_factor_gt                           ? 
_refine.ls_goodness_of_fit_gt                    ? 
_refine.ls_goodness_of_fit_ref                   ? 
_refine.ls_shift_over_su_max                     ? 
_refine.ls_shift_over_su_max_lt                  ? 
_refine.ls_shift_over_su_mean                    ? 
_refine.ls_shift_over_su_mean_lt                 ? 
_refine.pdbx_ls_sigma_I                          ? 
_refine.pdbx_ls_sigma_F                          1.420 
_refine.pdbx_ls_sigma_Fsqd                       ? 
_refine.pdbx_data_cutoff_high_absF               ? 
_refine.pdbx_data_cutoff_high_rms_absF           ? 
_refine.pdbx_data_cutoff_low_absF                ? 
_refine.pdbx_isotropic_thermal_model             ? 
_refine.pdbx_ls_cross_valid_method               THROUGHOUT 
_refine.pdbx_method_to_determine_struct          'MOLECULAR REPLACEMENT' 
_refine.pdbx_starting_model                      ? 
_refine.pdbx_stereochemistry_target_values       ? 
_refine.pdbx_R_Free_selection_details            ? 
_refine.pdbx_stereochem_target_val_spec_case     ? 
_refine.pdbx_overall_ESU_R                       ? 
_refine.pdbx_overall_ESU_R_Free                  ? 
_refine.pdbx_solvent_vdw_probe_radii             1.1100 
_refine.pdbx_solvent_ion_probe_radii             ? 
_refine.pdbx_solvent_shrinkage_radii             0.9000 
_refine.pdbx_real_space_R                        ? 
_refine.pdbx_density_correlation                 ? 
_refine.pdbx_pd_number_of_powder_patterns        ? 
_refine.pdbx_pd_number_of_points                 ? 
_refine.pdbx_pd_meas_number_of_points            ? 
_refine.pdbx_pd_proc_ls_prof_R_factor            ? 
_refine.pdbx_pd_proc_ls_prof_wR_factor           ? 
_refine.pdbx_pd_Marquardt_correlation_coeff      ? 
_refine.pdbx_pd_Fsqrd_R_factor                   ? 
_refine.pdbx_pd_ls_matrix_band_width             ? 
_refine.pdbx_overall_phase_error                 27.9200 
_refine.pdbx_overall_SU_R_free_Cruickshank_DPI   ? 
_refine.pdbx_overall_SU_R_free_Blow_DPI          ? 
_refine.pdbx_overall_SU_R_Blow_DPI               ? 
_refine.pdbx_TLS_residual_ADP_flag               ? 
_refine.pdbx_diffrn_id                           1 
_refine.overall_SU_B                             ? 
_refine.overall_SU_ML                            0.3000 
_refine.overall_SU_R_Cruickshank_DPI             ? 
_refine.overall_SU_R_free                        ? 
_refine.overall_FOM_free_R_set                   ? 
_refine.overall_FOM_work_R_set                   ? 
_refine.pdbx_average_fsc_overall                 ? 
_refine.pdbx_average_fsc_work                    ? 
_refine.pdbx_average_fsc_free                    ? 
# 
_refine_hist.cycle_id                         final 
_refine_hist.pdbx_refine_id                   'X-RAY DIFFRACTION' 
_refine_hist.d_res_high                       2.3000 
_refine_hist.d_res_low                        74.0980 
_refine_hist.pdbx_number_atoms_ligand         0 
_refine_hist.number_atoms_solvent             14 
_refine_hist.number_atoms_total               684 
_refine_hist.pdbx_number_residues_total       88 
_refine_hist.pdbx_B_iso_mean_solvent          66.65 
_refine_hist.pdbx_number_atoms_protein        670 
_refine_hist.pdbx_number_atoms_nucleic_acid   0 
# 
loop_
_refine_ls_restr.pdbx_refine_id 
_refine_ls_restr.criterion 
_refine_ls_restr.dev_ideal 
_refine_ls_restr.dev_ideal_target 
_refine_ls_restr.number 
_refine_ls_restr.rejects 
_refine_ls_restr.type 
_refine_ls_restr.weight 
_refine_ls_restr.pdbx_restraint_function 
'X-RAY DIFFRACTION' ? 0.010  ? 680 ? f_bond_d           ? ? 
'X-RAY DIFFRACTION' ? 1.309  ? 907 ? f_angle_d          ? ? 
'X-RAY DIFFRACTION' ? 0.040  ? 106 ? f_chiral_restr     ? ? 
'X-RAY DIFFRACTION' ? 0.005  ? 111 ? f_plane_restr      ? ? 
'X-RAY DIFFRACTION' ? 20.466 ? 261 ? f_dihedral_angle_d ? ? 
# 
loop_
_refine_ls_shell.pdbx_refine_id 
_refine_ls_shell.d_res_high 
_refine_ls_shell.d_res_low 
_refine_ls_shell.number_reflns_all 
_refine_ls_shell.number_reflns_obs 
_refine_ls_shell.number_reflns_R_free 
_refine_ls_shell.number_reflns_R_work 
_refine_ls_shell.percent_reflns_obs 
_refine_ls_shell.percent_reflns_R_free 
_refine_ls_shell.R_factor_all 
_refine_ls_shell.R_factor_obs 
_refine_ls_shell.R_factor_R_free 
_refine_ls_shell.R_factor_R_free_error 
_refine_ls_shell.R_factor_R_work 
_refine_ls_shell.redundancy_reflns_all 
_refine_ls_shell.redundancy_reflns_obs 
_refine_ls_shell.wR_factor_all 
_refine_ls_shell.wR_factor_obs 
_refine_ls_shell.wR_factor_R_free 
_refine_ls_shell.wR_factor_R_work 
_refine_ls_shell.pdbx_total_number_of_bins_used 
_refine_ls_shell.pdbx_phase_error 
_refine_ls_shell.pdbx_fsc_work 
_refine_ls_shell.pdbx_fsc_free 
'X-RAY DIFFRACTION' 2.3004 2.6333  2999 . 149 2850 100.0000 . . . 0.3004 0.0000 0.2608 . . . . . . 3 . . . 
'X-RAY DIFFRACTION' 2.6333 3.3177  3021 . 142 2879 100.0000 . . . 0.3179 0.0000 0.2823 . . . . . . 3 . . . 
'X-RAY DIFFRACTION' 3.3177 74.1362 3222 . 162 3060 100.0000 . . . 0.2181 0.0000 0.1904 . . . . . . 3 . . . 
# 
_struct.entry_id                     6G6B 
_struct.title                        'Crystal structure of a parallel six-helix coiled coil CC-Type2-LL-L17Q' 
_struct.pdbx_model_details           ? 
_struct.pdbx_formula_weight          ? 
_struct.pdbx_formula_weight_method   ? 
_struct.pdbx_model_type_details      ? 
_struct.pdbx_CASP_flag               N 
# 
_struct_keywords.entry_id        6G6B 
_struct_keywords.text            'de novo, coiled coil, alpha-helical bundle, synthetic construct, DE NOVO PROTEIN' 
_struct_keywords.pdbx_keywords   'DE NOVO PROTEIN' 
# 
loop_
_struct_asym.id 
_struct_asym.pdbx_blank_PDB_chainid_flag 
_struct_asym.pdbx_modified 
_struct_asym.entity_id 
_struct_asym.details 
A N N 1 ? 
B N N 1 ? 
C N N 1 ? 
D N N 2 ? 
E N N 2 ? 
F N N 2 ? 
# 
_struct_ref.id                         1 
_struct_ref.db_name                    PDB 
_struct_ref.db_code                    6G6B 
_struct_ref.pdbx_db_accession          6G6B 
_struct_ref.pdbx_db_isoform            ? 
_struct_ref.entity_id                  1 
_struct_ref.pdbx_seq_one_letter_code   ? 
_struct_ref.pdbx_align_begin           1 
# 
loop_
_struct_ref_seq.align_id 
_struct_ref_seq.ref_id 
_struct_ref_seq.pdbx_PDB_id_code 
_struct_ref_seq.pdbx_strand_id 
_struct_ref_seq.seq_align_beg 
_struct_ref_seq.pdbx_seq_align_beg_ins_code 
_struct_ref_seq.seq_align_end 
_struct_ref_seq.pdbx_seq_align_end_ins_code 
_struct_ref_seq.pdbx_db_accession 
_struct_ref_seq.db_align_beg 
_struct_ref_seq.pdbx_db_align_beg_ins_code 
_struct_ref_seq.db_align_end 
_struct_ref_seq.pdbx_db_align_end_ins_code 
_struct_ref_seq.pdbx_auth_seq_align_beg 
_struct_ref_seq.pdbx_auth_seq_align_end 
1 1 6G6B A 1 ? 32 ? 6G6B 0 ? 31 ? 0 31 
2 1 6G6B B 1 ? 32 ? 6G6B 0 ? 31 ? 0 31 
3 1 6G6B C 1 ? 32 ? 6G6B 0 ? 31 ? 0 31 
# 
_pdbx_struct_assembly.id                   1 
_pdbx_struct_assembly.details              author_and_software_defined_assembly 
_pdbx_struct_assembly.method_details       PISA 
_pdbx_struct_assembly.oligomeric_details   hexameric 
_pdbx_struct_assembly.oligomeric_count     6 
# 
loop_
_pdbx_struct_assembly_prop.biol_id 
_pdbx_struct_assembly_prop.type 
_pdbx_struct_assembly_prop.value 
_pdbx_struct_assembly_prop.details 
1 'ABSA (A^2)' 8830 ? 
1 MORE         -91  ? 
1 'SSA (A^2)'  9110 ? 
# 
_pdbx_struct_assembly_gen.assembly_id       1 
_pdbx_struct_assembly_gen.oper_expression   1,2 
_pdbx_struct_assembly_gen.asym_id_list      A,B,C,D,E,F 
# 
_pdbx_struct_assembly_auth_evidence.id                     1 
_pdbx_struct_assembly_auth_evidence.assembly_id            1 
_pdbx_struct_assembly_auth_evidence.experimental_support   'equilibrium centrifugation' 
_pdbx_struct_assembly_auth_evidence.details                ? 
# 
loop_
_pdbx_struct_oper_list.id 
_pdbx_struct_oper_list.type 
_pdbx_struct_oper_list.name 
_pdbx_struct_oper_list.symmetry_operation 
_pdbx_struct_oper_list.matrix[1][1] 
_pdbx_struct_oper_list.matrix[1][2] 
_pdbx_struct_oper_list.matrix[1][3] 
_pdbx_struct_oper_list.vector[1] 
_pdbx_struct_oper_list.matrix[2][1] 
_pdbx_struct_oper_list.matrix[2][2] 
_pdbx_struct_oper_list.matrix[2][3] 
_pdbx_struct_oper_list.vector[2] 
_pdbx_struct_oper_list.matrix[3][1] 
_pdbx_struct_oper_list.matrix[3][2] 
_pdbx_struct_oper_list.matrix[3][3] 
_pdbx_struct_oper_list.vector[3] 
1 'identity operation'         1_555  x,y,z              1.0000000000  0.0000000000  0.0000000000 0.0000000000  0.0000000000  1.0000000000  0.0000000000  0.0000000000  0.0000000000 0.0000000000  1.0000000000 0.0000000000 
2 'crystal symmetry operation' 22_554 z+1/4,-y+1/4,x-1/4 -0.9127141222 -0.1953186575 0.3588921192 -3.5020173843 -0.1953186575 -0.5629375688 -0.8030889836 10.2617200205 0.3588921192 -0.8030889836 0.4756516910 6.4364245302 
# 
loop_
_struct_conf.conf_type_id 
_struct_conf.id 
_struct_conf.pdbx_PDB_helix_id 
_struct_conf.beg_label_comp_id 
_struct_conf.beg_label_asym_id 
_struct_conf.beg_label_seq_id 
_struct_conf.pdbx_beg_PDB_ins_code 
_struct_conf.end_label_comp_id 
_struct_conf.end_label_asym_id 
_struct_conf.end_label_seq_id 
_struct_conf.pdbx_end_PDB_ins_code 
_struct_conf.beg_auth_comp_id 
_struct_conf.beg_auth_asym_id 
_struct_conf.beg_auth_seq_id 
_struct_conf.end_auth_comp_id 
_struct_conf.end_auth_asym_id 
_struct_conf.end_auth_seq_id 
_struct_conf.pdbx_PDB_helix_class 
_struct_conf.details 
_struct_conf.pdbx_PDB_helix_length 
HELX_P HELX_P1 AA1 GLY A 2 ? GLY A 31 ? GLY A 1 GLY A 30 1 ? 30 
HELX_P HELX_P2 AA2 GLU B 3 ? LYS B 30 ? GLU B 2 LYS B 29 1 ? 28 
HELX_P HELX_P3 AA3 LEU C 4 ? LEU C 29 ? LEU C 3 LEU C 28 1 ? 26 
# 
_struct_conf_type.id          HELX_P 
_struct_conf_type.criteria    ? 
_struct_conf_type.reference   ? 
# 
_pdbx_entry_details.entry_id                   6G6B 
_pdbx_entry_details.compound_details           ? 
_pdbx_entry_details.source_details             ? 
_pdbx_entry_details.nonpolymer_details         ? 
_pdbx_entry_details.sequence_details           ? 
_pdbx_entry_details.has_ligand_of_interest     ? 
_pdbx_entry_details.has_protein_modification   N 
# 
loop_
_pdbx_validate_torsion.id 
_pdbx_validate_torsion.PDB_model_num 
_pdbx_validate_torsion.auth_comp_id 
_pdbx_validate_torsion.auth_asym_id 
_pdbx_validate_torsion.auth_seq_id 
_pdbx_validate_torsion.PDB_ins_code 
_pdbx_validate_torsion.label_alt_id 
_pdbx_validate_torsion.phi 
_pdbx_validate_torsion.psi 
1 1 GLU B 2  ? ? 59.40  -64.51 
2 1 LEU C 28 ? ? -82.11 30.80  
# 
_pdbx_struct_special_symmetry.id              1 
_pdbx_struct_special_symmetry.PDB_model_num   1 
_pdbx_struct_special_symmetry.auth_asym_id    A 
_pdbx_struct_special_symmetry.auth_comp_id    HOH 
_pdbx_struct_special_symmetry.auth_seq_id     106 
_pdbx_struct_special_symmetry.PDB_ins_code    ? 
_pdbx_struct_special_symmetry.label_asym_id   D 
_pdbx_struct_special_symmetry.label_comp_id   HOH 
_pdbx_struct_special_symmetry.label_seq_id    . 
# 
_pdbx_phasing_MR.entry_id                     6G6B 
_pdbx_phasing_MR.method_rotation              ? 
_pdbx_phasing_MR.method_translation           ? 
_pdbx_phasing_MR.model_details                'Phaser MODE: MR_AUTO' 
_pdbx_phasing_MR.R_factor                     ? 
_pdbx_phasing_MR.R_rigid_body                 ? 
_pdbx_phasing_MR.correlation_coeff_Fo_to_Fc   ? 
_pdbx_phasing_MR.correlation_coeff_Io_to_Ic   ? 
_pdbx_phasing_MR.d_res_high_rotation          5.910 
_pdbx_phasing_MR.d_res_low_rotation           74.100 
_pdbx_phasing_MR.d_res_high_translation       5.910 
_pdbx_phasing_MR.d_res_low_translation        74.100 
_pdbx_phasing_MR.packing                      ? 
_pdbx_phasing_MR.reflns_percent_rotation      ? 
_pdbx_phasing_MR.reflns_percent_translation   ? 
_pdbx_phasing_MR.sigma_F_rotation             ? 
_pdbx_phasing_MR.sigma_F_translation          ? 
_pdbx_phasing_MR.sigma_I_rotation             ? 
_pdbx_phasing_MR.sigma_I_translation          ? 
# 
_phasing.method   MR 
# 
_pdbx_distant_solvent_atoms.id                                1 
_pdbx_distant_solvent_atoms.PDB_model_num                     1 
_pdbx_distant_solvent_atoms.auth_atom_id                      O 
_pdbx_distant_solvent_atoms.label_alt_id                      ? 
_pdbx_distant_solvent_atoms.auth_asym_id                      A 
_pdbx_distant_solvent_atoms.auth_comp_id                      HOH 
_pdbx_distant_solvent_atoms.auth_seq_id                       106 
_pdbx_distant_solvent_atoms.PDB_ins_code                      ? 
_pdbx_distant_solvent_atoms.neighbor_macromolecule_distance   7.17 
_pdbx_distant_solvent_atoms.neighbor_ligand_distance          . 
# 
loop_
_pdbx_unobs_or_zero_occ_residues.id 
_pdbx_unobs_or_zero_occ_residues.PDB_model_num 
_pdbx_unobs_or_zero_occ_residues.polymer_flag 
_pdbx_unobs_or_zero_occ_residues.occupancy_flag 
_pdbx_unobs_or_zero_occ_residues.auth_asym_id 
_pdbx_unobs_or_zero_occ_residues.auth_comp_id 
_pdbx_unobs_or_zero_occ_residues.auth_seq_id 
_pdbx_unobs_or_zero_occ_residues.PDB_ins_code 
_pdbx_unobs_or_zero_occ_residues.label_asym_id 
_pdbx_unobs_or_zero_occ_residues.label_comp_id 
_pdbx_unobs_or_zero_occ_residues.label_seq_id 
1 1 Y 1 A ACE 0  ? A ACE 1  
2 1 Y 1 A NH2 31 ? A NH2 32 
3 1 Y 1 B ACE 0  ? B ACE 1  
4 1 Y 1 B GLY 30 ? B GLY 31 
5 1 Y 1 B NH2 31 ? B NH2 32 
6 1 Y 1 C ACE 0  ? C ACE 1  
7 1 Y 1 C GLY 30 ? C GLY 31 
8 1 Y 1 C NH2 31 ? C NH2 32 
# 
loop_
_chem_comp_atom.comp_id 
_chem_comp_atom.atom_id 
_chem_comp_atom.type_symbol 
_chem_comp_atom.pdbx_aromatic_flag 
_chem_comp_atom.pdbx_stereo_config 
_chem_comp_atom.pdbx_ordinal 
ACE C    C N N 1   
ACE O    O N N 2   
ACE CH3  C N N 3   
ACE H    H N N 4   
ACE H1   H N N 5   
ACE H2   H N N 6   
ACE H3   H N N 7   
ALA N    N N N 8   
ALA CA   C N S 9   
ALA C    C N N 10  
ALA O    O N N 11  
ALA CB   C N N 12  
ALA OXT  O N N 13  
ALA H    H N N 14  
ALA H2   H N N 15  
ALA HA   H N N 16  
ALA HB1  H N N 17  
ALA HB2  H N N 18  
ALA HB3  H N N 19  
ALA HXT  H N N 20  
GLN N    N N N 21  
GLN CA   C N S 22  
GLN C    C N N 23  
GLN O    O N N 24  
GLN CB   C N N 25  
GLN CG   C N N 26  
GLN CD   C N N 27  
GLN OE1  O N N 28  
GLN NE2  N N N 29  
GLN OXT  O N N 30  
GLN H    H N N 31  
GLN H2   H N N 32  
GLN HA   H N N 33  
GLN HB2  H N N 34  
GLN HB3  H N N 35  
GLN HG2  H N N 36  
GLN HG3  H N N 37  
GLN HE21 H N N 38  
GLN HE22 H N N 39  
GLN HXT  H N N 40  
GLU N    N N N 41  
GLU CA   C N S 42  
GLU C    C N N 43  
GLU O    O N N 44  
GLU CB   C N N 45  
GLU CG   C N N 46  
GLU CD   C N N 47  
GLU OE1  O N N 48  
GLU OE2  O N N 49  
GLU OXT  O N N 50  
GLU H    H N N 51  
GLU H2   H N N 52  
GLU HA   H N N 53  
GLU HB2  H N N 54  
GLU HB3  H N N 55  
GLU HG2  H N N 56  
GLU HG3  H N N 57  
GLU HE2  H N N 58  
GLU HXT  H N N 59  
GLY N    N N N 60  
GLY CA   C N N 61  
GLY C    C N N 62  
GLY O    O N N 63  
GLY OXT  O N N 64  
GLY H    H N N 65  
GLY H2   H N N 66  
GLY HA2  H N N 67  
GLY HA3  H N N 68  
GLY HXT  H N N 69  
HOH O    O N N 70  
HOH H1   H N N 71  
HOH H2   H N N 72  
LEU N    N N N 73  
LEU CA   C N S 74  
LEU C    C N N 75  
LEU O    O N N 76  
LEU CB   C N N 77  
LEU CG   C N N 78  
LEU CD1  C N N 79  
LEU CD2  C N N 80  
LEU OXT  O N N 81  
LEU H    H N N 82  
LEU H2   H N N 83  
LEU HA   H N N 84  
LEU HB2  H N N 85  
LEU HB3  H N N 86  
LEU HG   H N N 87  
LEU HD11 H N N 88  
LEU HD12 H N N 89  
LEU HD13 H N N 90  
LEU HD21 H N N 91  
LEU HD22 H N N 92  
LEU HD23 H N N 93  
LEU HXT  H N N 94  
LYS N    N N N 95  
LYS CA   C N S 96  
LYS C    C N N 97  
LYS O    O N N 98  
LYS CB   C N N 99  
LYS CG   C N N 100 
LYS CD   C N N 101 
LYS CE   C N N 102 
LYS NZ   N N N 103 
LYS OXT  O N N 104 
LYS H    H N N 105 
LYS H2   H N N 106 
LYS HA   H N N 107 
LYS HB2  H N N 108 
LYS HB3  H N N 109 
LYS HG2  H N N 110 
LYS HG3  H N N 111 
LYS HD2  H N N 112 
LYS HD3  H N N 113 
LYS HE2  H N N 114 
LYS HE3  H N N 115 
LYS HZ1  H N N 116 
LYS HZ2  H N N 117 
LYS HZ3  H N N 118 
LYS HXT  H N N 119 
NH2 N    N N N 120 
NH2 HN1  H N N 121 
NH2 HN2  H N N 122 
TRP N    N N N 123 
TRP CA   C N S 124 
TRP C    C N N 125 
TRP O    O N N 126 
TRP CB   C N N 127 
TRP CG   C Y N 128 
TRP CD1  C Y N 129 
TRP CD2  C Y N 130 
TRP NE1  N Y N 131 
TRP CE2  C Y N 132 
TRP CE3  C Y N 133 
TRP CZ2  C Y N 134 
TRP CZ3  C Y N 135 
TRP CH2  C Y N 136 
TRP OXT  O N N 137 
TRP H    H N N 138 
TRP H2   H N N 139 
TRP HA   H N N 140 
TRP HB2  H N N 141 
TRP HB3  H N N 142 
TRP HD1  H N N 143 
TRP HE1  H N N 144 
TRP HE3  H N N 145 
TRP HZ2  H N N 146 
TRP HZ3  H N N 147 
TRP HH2  H N N 148 
TRP HXT  H N N 149 
# 
loop_
_chem_comp_bond.comp_id 
_chem_comp_bond.atom_id_1 
_chem_comp_bond.atom_id_2 
_chem_comp_bond.value_order 
_chem_comp_bond.pdbx_aromatic_flag 
_chem_comp_bond.pdbx_stereo_config 
_chem_comp_bond.pdbx_ordinal 
ACE C   O    doub N N 1   
ACE C   CH3  sing N N 2   
ACE C   H    sing N N 3   
ACE CH3 H1   sing N N 4   
ACE CH3 H2   sing N N 5   
ACE CH3 H3   sing N N 6   
ALA N   CA   sing N N 7   
ALA N   H    sing N N 8   
ALA N   H2   sing N N 9   
ALA CA  C    sing N N 10  
ALA CA  CB   sing N N 11  
ALA CA  HA   sing N N 12  
ALA C   O    doub N N 13  
ALA C   OXT  sing N N 14  
ALA CB  HB1  sing N N 15  
ALA CB  HB2  sing N N 16  
ALA CB  HB3  sing N N 17  
ALA OXT HXT  sing N N 18  
GLN N   CA   sing N N 19  
GLN N   H    sing N N 20  
GLN N   H2   sing N N 21  
GLN CA  C    sing N N 22  
GLN CA  CB   sing N N 23  
GLN CA  HA   sing N N 24  
GLN C   O    doub N N 25  
GLN C   OXT  sing N N 26  
GLN CB  CG   sing N N 27  
GLN CB  HB2  sing N N 28  
GLN CB  HB3  sing N N 29  
GLN CG  CD   sing N N 30  
GLN CG  HG2  sing N N 31  
GLN CG  HG3  sing N N 32  
GLN CD  OE1  doub N N 33  
GLN CD  NE2  sing N N 34  
GLN NE2 HE21 sing N N 35  
GLN NE2 HE22 sing N N 36  
GLN OXT HXT  sing N N 37  
GLU N   CA   sing N N 38  
GLU N   H    sing N N 39  
GLU N   H2   sing N N 40  
GLU CA  C    sing N N 41  
GLU CA  CB   sing N N 42  
GLU CA  HA   sing N N 43  
GLU C   O    doub N N 44  
GLU C   OXT  sing N N 45  
GLU CB  CG   sing N N 46  
GLU CB  HB2  sing N N 47  
GLU CB  HB3  sing N N 48  
GLU CG  CD   sing N N 49  
GLU CG  HG2  sing N N 50  
GLU CG  HG3  sing N N 51  
GLU CD  OE1  doub N N 52  
GLU CD  OE2  sing N N 53  
GLU OE2 HE2  sing N N 54  
GLU OXT HXT  sing N N 55  
GLY N   CA   sing N N 56  
GLY N   H    sing N N 57  
GLY N   H2   sing N N 58  
GLY CA  C    sing N N 59  
GLY CA  HA2  sing N N 60  
GLY CA  HA3  sing N N 61  
GLY C   O    doub N N 62  
GLY C   OXT  sing N N 63  
GLY OXT HXT  sing N N 64  
HOH O   H1   sing N N 65  
HOH O   H2   sing N N 66  
LEU N   CA   sing N N 67  
LEU N   H    sing N N 68  
LEU N   H2   sing N N 69  
LEU CA  C    sing N N 70  
LEU CA  CB   sing N N 71  
LEU CA  HA   sing N N 72  
LEU C   O    doub N N 73  
LEU C   OXT  sing N N 74  
LEU CB  CG   sing N N 75  
LEU CB  HB2  sing N N 76  
LEU CB  HB3  sing N N 77  
LEU CG  CD1  sing N N 78  
LEU CG  CD2  sing N N 79  
LEU CG  HG   sing N N 80  
LEU CD1 HD11 sing N N 81  
LEU CD1 HD12 sing N N 82  
LEU CD1 HD13 sing N N 83  
LEU CD2 HD21 sing N N 84  
LEU CD2 HD22 sing N N 85  
LEU CD2 HD23 sing N N 86  
LEU OXT HXT  sing N N 87  
LYS N   CA   sing N N 88  
LYS N   H    sing N N 89  
LYS N   H2   sing N N 90  
LYS CA  C    sing N N 91  
LYS CA  CB   sing N N 92  
LYS CA  HA   sing N N 93  
LYS C   O    doub N N 94  
LYS C   OXT  sing N N 95  
LYS CB  CG   sing N N 96  
LYS CB  HB2  sing N N 97  
LYS CB  HB3  sing N N 98  
LYS CG  CD   sing N N 99  
LYS CG  HG2  sing N N 100 
LYS CG  HG3  sing N N 101 
LYS CD  CE   sing N N 102 
LYS CD  HD2  sing N N 103 
LYS CD  HD3  sing N N 104 
LYS CE  NZ   sing N N 105 
LYS CE  HE2  sing N N 106 
LYS CE  HE3  sing N N 107 
LYS NZ  HZ1  sing N N 108 
LYS NZ  HZ2  sing N N 109 
LYS NZ  HZ3  sing N N 110 
LYS OXT HXT  sing N N 111 
NH2 N   HN1  sing N N 112 
NH2 N   HN2  sing N N 113 
TRP N   CA   sing N N 114 
TRP N   H    sing N N 115 
TRP N   H2   sing N N 116 
TRP CA  C    sing N N 117 
TRP CA  CB   sing N N 118 
TRP CA  HA   sing N N 119 
TRP C   O    doub N N 120 
TRP C   OXT  sing N N 121 
TRP CB  CG   sing N N 122 
TRP CB  HB2  sing N N 123 
TRP CB  HB3  sing N N 124 
TRP CG  CD1  doub Y N 125 
TRP CG  CD2  sing Y N 126 
TRP CD1 NE1  sing Y N 127 
TRP CD1 HD1  sing N N 128 
TRP CD2 CE2  doub Y N 129 
TRP CD2 CE3  sing Y N 130 
TRP NE1 CE2  sing Y N 131 
TRP NE1 HE1  sing N N 132 
TRP CE2 CZ2  sing Y N 133 
TRP CE3 CZ3  doub Y N 134 
TRP CE3 HE3  sing N N 135 
TRP CZ2 CH2  doub Y N 136 
TRP CZ2 HZ2  sing N N 137 
TRP CZ3 CH2  sing Y N 138 
TRP CZ3 HZ3  sing N N 139 
TRP CH2 HH2  sing N N 140 
TRP OXT HXT  sing N N 141 
# 
loop_
_pdbx_audit_support.funding_organization 
_pdbx_audit_support.country 
_pdbx_audit_support.grant_number 
_pdbx_audit_support.ordinal 
'Engineering and Physical Sciences Research Council' 'United Kingdom' EP/G036764/1 1 
'European Research Council'                          'United Kingdom' 340764       2 
# 
_atom_sites.entry_id                    6G6B 
_atom_sites.fract_transf_matrix[1][1]   -0.00359550 
_atom_sites.fract_transf_matrix[1][2]   0.00852371 
_atom_sites.fract_transf_matrix[1][3]   -0.00234256 
_atom_sites.fract_transf_matrix[2][1]   0.00880562 
_atom_sites.fract_transf_matrix[2][2]   0.00367559 
_atom_sites.fract_transf_matrix[2][3]   -0.00014125 
_atom_sites.fract_transf_matrix[3][1]   0.00077610 
_atom_sites.fract_transf_matrix[3][2]   -0.00221477 
_atom_sites.fract_transf_matrix[3][3]   -0.00924994 
_atom_sites.fract_transf_vector[1]      0.143721 
_atom_sites.fract_transf_vector[2]      0.122016 
_atom_sites.fract_transf_vector[3]      -0.021300 
# 
loop_
_atom_type.symbol 
C 
N 
O 
# 
loop_
_atom_site.group_PDB 
_atom_site.id 
_atom_site.type_symbol 
_atom_site.label_atom_id 
_atom_site.label_alt_id 
_atom_site.label_comp_id 
_atom_site.label_asym_id 
_atom_site.label_entity_id 
_atom_site.label_seq_id 
_atom_site.pdbx_PDB_ins_code 
_atom_site.Cartn_x 
_atom_site.Cartn_y 
_atom_site.Cartn_z 
_atom_site.occupancy 
_atom_site.B_iso_or_equiv 
_atom_site.pdbx_formal_charge 
_atom_site.auth_seq_id 
_atom_site.auth_comp_id 
_atom_site.auth_asym_id 
_atom_site.auth_atom_id 
_atom_site.pdbx_PDB_model_num 
ATOM   1   N N   . GLY A 1 2  ? -4.016  -6.551  21.043  1.00 83.36  ? 1   GLY A N   1 
ATOM   2   C CA  . GLY A 1 2  ? -5.372  -6.630  21.550  1.00 84.56  ? 1   GLY A CA  1 
ATOM   3   C C   . GLY A 1 2  ? -6.286  -5.717  20.758  1.00 91.73  ? 1   GLY A C   1 
ATOM   4   O O   . GLY A 1 2  ? -6.831  -6.105  19.721  1.00 86.46  ? 1   GLY A O   1 
ATOM   5   N N   . GLU A 1 3  ? -6.460  -4.494  21.243  1.00 86.03  ? 2   GLU A N   1 
ATOM   6   C CA  . GLU A 1 3  ? -7.217  -3.498  20.492  1.00 84.93  ? 2   GLU A CA  1 
ATOM   7   C C   . GLU A 1 3  ? -6.319  -2.841  19.449  1.00 88.75  ? 2   GLU A C   1 
ATOM   8   O O   . GLU A 1 3  ? -6.795  -2.316  18.438  1.00 87.57  ? 2   GLU A O   1 
ATOM   9   C CB  . GLU A 1 3  ? -7.820  -2.449  21.425  1.00 81.56  ? 2   GLU A CB  1 
ATOM   10  C CG  . GLU A 1 3  ? -8.125  -2.971  22.816  0.00 84.25  ? 2   GLU A CG  1 
ATOM   11  C CD  . GLU A 1 3  ? -8.603  -1.879  23.748  0.00 84.83  ? 2   GLU A CD  1 
ATOM   12  O OE1 . GLU A 1 3  ? -8.025  -0.774  23.713  0.00 85.02  ? 2   GLU A OE1 1 
ATOM   13  O OE2 . GLU A 1 3  ? -9.557  -2.128  24.514  0.00 84.94  ? 2   GLU A OE2 1 
ATOM   14  N N   . LEU A 1 4  ? -5.017  -2.875  19.704  1.00 80.18  ? 3   LEU A N   1 
ATOM   15  C CA  . LEU A 1 4  ? -4.027  -2.458  18.721  1.00 77.28  ? 3   LEU A CA  1 
ATOM   16  C C   . LEU A 1 4  ? -4.101  -3.303  17.454  1.00 76.38  ? 3   LEU A C   1 
ATOM   17  O O   . LEU A 1 4  ? -4.046  -2.779  16.343  1.00 73.08  ? 3   LEU A O   1 
ATOM   18  C CB  . LEU A 1 4  ? -2.621  -2.553  19.296  1.00 77.87  ? 3   LEU A CB  1 
ATOM   19  C CG  . LEU A 1 4  ? -1.540  -2.290  18.252  1.00 74.67  ? 3   LEU A CG  1 
ATOM   20  C CD1 . LEU A 1 4  ? -1.594  -0.840  17.818  1.00 74.45  ? 3   LEU A CD1 1 
ATOM   21  C CD2 . LEU A 1 4  ? -0.164  -2.639  18.788  1.00 76.79  ? 3   LEU A CD2 1 
ATOM   22  N N   . ALA A 1 5  ? -4.202  -4.614  17.629  1.00 76.89  ? 4   ALA A N   1 
ATOM   23  C CA  . ALA A 1 5  ? -4.370  -5.501  16.496  1.00 70.22  ? 4   ALA A CA  1 
ATOM   24  C C   . ALA A 1 5  ? -5.560  -5.031  15.672  1.00 74.97  ? 4   ALA A C   1 
ATOM   25  O O   . ALA A 1 5  ? -5.433  -4.791  14.477  1.00 75.27  ? 4   ALA A O   1 
ATOM   26  C CB  . ALA A 1 5  ? -4.557  -6.940  16.955  1.00 75.99  ? 4   ALA A CB  1 
ATOM   27  N N   . GLN A 1 6  ? -6.698  -4.853  16.329  1.00 74.50  ? 5   GLN A N   1 
ATOM   28  C CA  . GLN A 1 6  ? -7.927  -4.494  15.639  1.00 73.49  ? 5   GLN A CA  1 
ATOM   29  C C   . GLN A 1 6  ? -7.805  -3.191  14.858  1.00 74.24  ? 5   GLN A C   1 
ATOM   30  O O   . GLN A 1 6  ? -8.303  -3.073  13.734  1.00 72.51  ? 5   GLN A O   1 
ATOM   31  C CB  . GLN A 1 6  ? -9.079  -4.387  16.636  1.00 78.57  ? 5   GLN A CB  1 
ATOM   32  C CG  . GLN A 1 6  ? -10.424 -4.425  15.960  1.00 82.58  ? 5   GLN A CG  1 
ATOM   33  C CD  . GLN A 1 6  ? -10.477 -5.488  14.878  1.00 91.79  ? 5   GLN A CD  1 
ATOM   34  O OE1 . GLN A 1 6  ? -10.215 -6.665  15.133  1.00 97.45  ? 5   GLN A OE1 1 
ATOM   35  N NE2 . GLN A 1 6  ? -10.799 -5.076  13.656  1.00 93.26  ? 5   GLN A NE2 1 
ATOM   36  N N   . ALA A 1 7  ? -7.144  -2.218  15.469  1.00 66.74  ? 6   ALA A N   1 
ATOM   37  C CA  . ALA A 1 7  ? -6.904  -0.925  14.842  1.00 63.47  ? 6   ALA A CA  1 
ATOM   38  C C   . ALA A 1 7  ? -6.104  -1.054  13.545  1.00 67.14  ? 6   ALA A C   1 
ATOM   39  O O   . ALA A 1 7  ? -6.457  -0.458  12.529  1.00 59.94  ? 6   ALA A O   1 
ATOM   40  C CB  . ALA A 1 7  ? -6.180  -0.016  15.806  1.00 56.13  ? 6   ALA A CB  1 
ATOM   41  N N   . LEU A 1 8  ? -5.028  -1.836  13.586  1.00 68.62  ? 7   LEU A N   1 
ATOM   42  C CA  . LEU A 1 8  ? -4.166  -2.015  12.424  1.00 58.81  ? 7   LEU A CA  1 
ATOM   43  C C   . LEU A 1 8  ? -4.892  -2.708  11.281  1.00 58.29  ? 7   LEU A C   1 
ATOM   44  O O   . LEU A 1 8  ? -4.645  -2.398  10.118  1.00 58.06  ? 7   LEU A O   1 
ATOM   45  C CB  . LEU A 1 8  ? -2.914  -2.795  12.803  1.00 60.05  ? 7   LEU A CB  1 
ATOM   46  C CG  . LEU A 1 8  ? -1.931  -1.984  13.643  1.00 57.97  ? 7   LEU A CG  1 
ATOM   47  C CD1 . LEU A 1 8  ? -0.743  -2.840  14.038  1.00 63.19  ? 7   LEU A CD1 1 
ATOM   48  C CD2 . LEU A 1 8  ? -1.477  -0.734  12.907  1.00 51.73  ? 7   LEU A CD2 1 
ATOM   49  N N   . LYS A 1 9  ? -5.806  -3.620  11.605  1.00 63.54  ? 8   LYS A N   1 
ATOM   50  C CA  . LYS A 1 9  ? -6.627  -4.240  10.573  1.00 58.86  ? 8   LYS A CA  1 
ATOM   51  C C   . LYS A 1 9  ? -7.440  -3.178  9.832   1.00 57.56  ? 8   LYS A C   1 
ATOM   52  O O   . LYS A 1 9  ? -7.550  -3.204  8.606   1.00 58.06  ? 8   LYS A O   1 
ATOM   53  C CB  . LYS A 1 9  ? -7.555  -5.303  11.168  1.00 67.63  ? 8   LYS A CB  1 
ATOM   54  C CG  . LYS A 1 9  ? -6.926  -6.116  12.280  1.00 75.40  ? 8   LYS A CG  1 
ATOM   55  C CD  . LYS A 1 9  ? -6.566  -7.522  11.842  0.00 81.29  ? 8   LYS A CD  1 
ATOM   56  C CE  . LYS A 1 9  ? -7.728  -8.476  12.010  0.00 87.14  ? 8   LYS A CE  1 
ATOM   57  N NZ  . LYS A 1 9  ? -7.251  -9.834  12.390  0.00 93.24  ? 8   LYS A NZ  1 
ATOM   58  N N   . GLU A 1 10 ? -7.990  -2.228  10.579  1.00 59.48  ? 9   GLU A N   1 
ATOM   59  C CA  . GLU A 1 10 ? -8.808  -1.173  9.982   1.00 54.07  ? 9   GLU A CA  1 
ATOM   60  C C   . GLU A 1 10 ? -7.997  -0.241  9.081   1.00 46.04  ? 9   GLU A C   1 
ATOM   61  O O   . GLU A 1 10 ? -8.481  0.192   8.043   1.00 50.94  ? 9   GLU A O   1 
ATOM   62  C CB  . GLU A 1 10 ? -9.496  -0.359  11.074  1.00 59.11  ? 9   GLU A CB  1 
ATOM   63  C CG  . GLU A 1 10 ? -10.262 -1.201  12.090  1.00 85.24  ? 9   GLU A CG  1 
ATOM   64  C CD  . GLU A 1 10 ? -11.641 -1.619  11.605  1.00 96.49  ? 9   GLU A CD  1 
ATOM   65  O OE1 . GLU A 1 10 ? -11.788 -1.921  10.399  1.00 93.91  ? 9   GLU A OE1 1 
ATOM   66  O OE2 . GLU A 1 10 ? -12.583 -1.639  12.435  1.00 110.42 ? 9   GLU A OE2 1 
ATOM   67  N N   . LEU A 1 11 ? -6.773  0.081   9.493   1.00 45.41  ? 10  LEU A N   1 
ATOM   68  C CA  . LEU A 1 11 ? -5.864  0.850   8.643   1.00 46.70  ? 10  LEU A CA  1 
ATOM   69  C C   . LEU A 1 11 ? -5.674  0.114   7.332   1.00 42.78  ? 10  LEU A C   1 
ATOM   70  O O   . LEU A 1 11 ? -5.703  0.720   6.266   1.00 48.42  ? 10  LEU A O   1 
ATOM   71  C CB  . LEU A 1 11 ? -4.516  1.067   9.319   1.00 39.69  ? 10  LEU A CB  1 
ATOM   72  C CG  . LEU A 1 11 ? -3.444  1.775   8.499   1.00 46.83  ? 10  LEU A CG  1 
ATOM   73  C CD1 . LEU A 1 11 ? -3.972  3.064   7.927   1.00 40.91  ? 10  LEU A CD1 1 
ATOM   74  C CD2 . LEU A 1 11 ? -2.218  2.051   9.342   1.00 44.89  ? 10  LEU A CD2 1 
ATOM   75  N N   . ALA A 1 12 ? -5.525  -1.204  7.430   1.00 48.75  ? 11  ALA A N   1 
ATOM   76  C CA  . ALA A 1 12 ? -5.289  -2.031  6.265   1.00 47.38  ? 11  ALA A CA  1 
ATOM   77  C C   . ALA A 1 12 ? -6.451  -1.926  5.294   1.00 48.06  ? 11  ALA A C   1 
ATOM   78  O O   . ALA A 1 12 ? -6.231  -1.756  4.088   1.00 46.20  ? 11  ALA A O   1 
ATOM   79  C CB  . ALA A 1 12 ? -5.060  -3.467  6.671   1.00 48.79  ? 11  ALA A CB  1 
ATOM   80  N N   . LYS A 1 13 ? -7.685  -1.993  5.803   1.00 48.99  ? 12  LYS A N   1 
ATOM   81  C CA  . LYS A 1 13 ? -8.845  -1.882  4.910   1.00 45.14  ? 12  LYS A CA  1 
ATOM   82  C C   . LYS A 1 13 ? -8.957  -0.500  4.298   1.00 46.62  ? 12  LYS A C   1 
ATOM   83  O O   . LYS A 1 13 ? -9.397  -0.360  3.153   1.00 48.61  ? 12  LYS A O   1 
ATOM   84  C CB  . LYS A 1 13 ? -10.159 -2.230  5.619   1.00 51.53  ? 12  LYS A CB  1 
ATOM   85  C CG  . LYS A 1 13 ? -10.013 -3.200  6.748   1.00 64.36  ? 12  LYS A CG  1 
ATOM   86  C CD  . LYS A 1 13 ? -11.361 -3.632  7.284   0.00 63.29  ? 12  LYS A CD  1 
ATOM   87  C CE  . LYS A 1 13 ? -11.206 -4.536  8.488   0.00 67.94  ? 12  LYS A CE  1 
ATOM   88  N NZ  . LYS A 1 13 ? -12.528 -4.849  9.091   0.00 73.52  ? 12  LYS A NZ  1 
ATOM   89  N N   . ALA A 1 14 ? -8.568  0.522   5.049   1.00 44.89  ? 13  ALA A N   1 
ATOM   90  C CA  . ALA A 1 14 ? -8.644  1.871   4.505   1.00 46.77  ? 13  ALA A CA  1 
ATOM   91  C C   . ALA A 1 14 ? -7.638  2.005   3.365   1.00 37.82  ? 13  ALA A C   1 
ATOM   92  O O   . ALA A 1 14 ? -7.942  2.572   2.313   1.00 40.08  ? 13  ALA A O   1 
ATOM   93  C CB  . ALA A 1 14 ? -8.397  2.921   5.607   1.00 36.11  ? 13  ALA A CB  1 
ATOM   94  N N   . LEU A 1 15 ? -6.442  1.447   3.547   1.00 45.00  ? 14  LEU A N   1 
ATOM   95  C CA  . LEU A 1 15 ? -5.435  1.513   2.479   1.00 45.57  ? 14  LEU A CA  1 
ATOM   96  C C   . LEU A 1 15 ? -5.895  0.745   1.249   1.00 45.14  ? 14  LEU A C   1 
ATOM   97  O O   . LEU A 1 15 ? -5.706  1.190   0.110   1.00 41.05  ? 14  LEU A O   1 
ATOM   98  C CB  . LEU A 1 15 ? -4.095  0.981   2.969   1.00 48.96  ? 14  LEU A CB  1 
ATOM   99  C CG  . LEU A 1 15 ? -3.358  1.953   3.884   1.00 45.23  ? 14  LEU A CG  1 
ATOM   100 C CD1 . LEU A 1 15 ? -2.263  1.257   4.649   1.00 55.58  ? 14  LEU A CD1 1 
ATOM   101 C CD2 . LEU A 1 15 ? -2.785  3.090   3.070   1.00 51.85  ? 14  LEU A CD2 1 
ATOM   102 N N   . LYS A 1 16 ? -6.530  -0.401  1.471   1.00 42.87  ? 15  LYS A N   1 
ATOM   103 C CA  . LYS A 1 16 ? -6.989  -1.188  0.332   1.00 44.63  ? 15  LYS A CA  1 
ATOM   104 C C   . LYS A 1 16 ? -8.066  -0.413  -0.443  1.00 43.06  ? 15  LYS A C   1 
ATOM   105 O O   . LYS A 1 16 ? -7.998  -0.303  -1.668  1.00 44.20  ? 15  LYS A O   1 
ATOM   106 C CB  . LYS A 1 16 ? -7.501  -2.553  0.792   1.00 48.28  ? 15  LYS A CB  1 
ATOM   107 C CG  . LYS A 1 16 ? -7.666  -3.544  -0.340  1.00 63.49  ? 15  LYS A CG  1 
ATOM   108 C CD  . LYS A 1 16 ? -8.085  -4.919  0.155   0.00 56.80  ? 15  LYS A CD  1 
ATOM   109 C CE  . LYS A 1 16 ? -7.853  -5.979  -0.911  0.00 59.04  ? 15  LYS A CE  1 
ATOM   110 N NZ  . LYS A 1 16 ? -8.567  -5.658  -2.177  0.00 59.11  ? 15  LYS A NZ  1 
ATOM   111 N N   . GLU A 1 17 ? -9.035  0.165   0.268   1.00 44.71  ? 16  GLU A N   1 
ATOM   112 C CA  . GLU A 1 17 ? -10.096 0.939   -0.395  1.00 42.58  ? 16  GLU A CA  1 
ATOM   113 C C   . GLU A 1 17 ? -9.524  2.140   -1.131  1.00 42.18  ? 16  GLU A C   1 
ATOM   114 O O   . GLU A 1 17 ? -9.988  2.509   -2.214  1.00 46.34  ? 16  GLU A O   1 
ATOM   115 C CB  . GLU A 1 17 ? -11.154 1.398   0.611   1.00 54.71  ? 16  GLU A CB  1 
ATOM   116 C CG  . GLU A 1 17 ? -12.290 0.394   0.843   1.00 62.04  ? 16  GLU A CG  1 
ATOM   117 C CD  . GLU A 1 17 ? -12.684 -0.367  -0.431  1.00 82.57  ? 16  GLU A CD  1 
ATOM   118 O OE1 . GLU A 1 17 ? -12.487 -1.606  -0.462  1.00 78.79  ? 16  GLU A OE1 1 
ATOM   119 O OE2 . GLU A 1 17 ? -13.183 0.263   -1.400  1.00 81.01  ? 16  GLU A OE2 1 
ATOM   120 N N   . GLN A 1 18 ? -8.493  2.734   -0.551  1.00 42.20  ? 17  GLN A N   1 
ATOM   121 C CA  . GLN A 1 18 ? -7.850  3.887   -1.166  1.00 49.51  ? 17  GLN A CA  1 
ATOM   122 C C   . GLN A 1 18 ? -7.100  3.513   -2.443  1.00 40.24  ? 17  GLN A C   1 
ATOM   123 O O   . GLN A 1 18 ? -7.084  4.265   -3.419  1.00 42.13  ? 17  GLN A O   1 
ATOM   124 C CB  . GLN A 1 18 ? -6.897  4.534   -0.169  1.00 46.11  ? 17  GLN A CB  1 
ATOM   125 C CG  . GLN A 1 18 ? -6.186  5.710   -0.714  1.00 60.25  ? 17  GLN A CG  1 
ATOM   126 C CD  . GLN A 1 18 ? -5.369  6.378   0.350   1.00 66.86  ? 17  GLN A CD  1 
ATOM   127 O OE1 . GLN A 1 18 ? -4.225  5.991   0.603   1.00 55.46  ? 17  GLN A OE1 1 
ATOM   128 N NE2 . GLN A 1 18 ? -5.960  7.378   1.006   1.00 61.26  ? 17  GLN A NE2 1 
ATOM   129 N N   . ALA A 1 19 ? -6.475  2.347   -2.425  1.00 37.55  ? 18  ALA A N   1 
ATOM   130 C CA  . ALA A 1 19 ? -5.815  1.831   -3.619  1.00 39.72  ? 18  ALA A CA  1 
ATOM   131 C C   . ALA A 1 19 ? -6.813  1.722   -4.776  1.00 41.79  ? 18  ALA A C   1 
ATOM   132 O O   . ALA A 1 19 ? -6.534  2.157   -5.903  1.00 46.05  ? 18  ALA A O   1 
ATOM   133 C CB  . ALA A 1 19 ? -5.175  0.458   -3.326  1.00 40.84  ? 18  ALA A CB  1 
ATOM   134 N N   . TRP A 1 20 ? -7.982  1.150   -4.497  1.00 38.62  ? 19  TRP A N   1 
ATOM   135 C CA  . TRP A 1 20 ? -8.979  1.009   -5.545  1.00 37.48  ? 19  TRP A CA  1 
ATOM   136 C C   . TRP A 1 20 ? -9.294  2.383   -6.122  1.00 46.60  ? 19  TRP A C   1 
ATOM   137 O O   . TRP A 1 20 ? -9.322  2.563   -7.339  1.00 45.22  ? 19  TRP A O   1 
ATOM   138 C CB  . TRP A 1 20 ? -10.269 0.330   -5.034  1.00 40.71  ? 19  TRP A CB  1 
ATOM   139 C CG  . TRP A 1 20 ? -11.339 0.391   -6.085  1.00 51.62  ? 19  TRP A CG  1 
ATOM   140 C CD1 . TRP A 1 20 ? -12.476 1.143   -6.059  1.00 53.65  ? 19  TRP A CD1 1 
ATOM   141 C CD2 . TRP A 1 20 ? -11.313 -0.267  -7.362  1.00 52.96  ? 19  TRP A CD2 1 
ATOM   142 N NE1 . TRP A 1 20 ? -13.180 0.973   -7.229  1.00 60.68  ? 19  TRP A NE1 1 
ATOM   143 C CE2 . TRP A 1 20 ? -12.492 0.119   -8.049  1.00 49.33  ? 19  TRP A CE2 1 
ATOM   144 C CE3 . TRP A 1 20 ? -10.423 -1.143  -7.998  1.00 51.88  ? 19  TRP A CE3 1 
ATOM   145 C CZ2 . TRP A 1 20 ? -12.802 -0.355  -9.333  1.00 50.19  ? 19  TRP A CZ2 1 
ATOM   146 C CZ3 . TRP A 1 20 ? -10.730 -1.611  -9.282  1.00 54.97  ? 19  TRP A CZ3 1 
ATOM   147 C CH2 . TRP A 1 20 ? -11.910 -1.212  -9.932  1.00 47.91  ? 19  TRP A CH2 1 
ATOM   148 N N   . ALA A 1 21 ? -9.485  3.366   -5.247  1.00 44.36  ? 20  ALA A N   1 
ATOM   149 C CA  . ALA A 1 21 ? -9.887  4.699   -5.700  1.00 42.26  ? 20  ALA A CA  1 
ATOM   150 C C   . ALA A 1 21 ? -8.818  5.323   -6.575  1.00 41.18  ? 20  ALA A C   1 
ATOM   151 O O   . ALA A 1 21 ? -9.107  6.005   -7.550  1.00 41.34  ? 20  ALA A O   1 
ATOM   152 C CB  . ALA A 1 21 ? -10.177 5.588   -4.513  1.00 47.40  ? 20  ALA A CB  1 
ATOM   153 N N   . LEU A 1 22 ? -7.563  5.076   -6.230  1.00 42.38  ? 21  LEU A N   1 
ATOM   154 C CA  . LEU A 1 22 ? -6.470  5.590   -7.044  1.00 44.85  ? 21  LEU A CA  1 
ATOM   155 C C   . LEU A 1 22 ? -6.430  4.935   -8.437  1.00 42.66  ? 21  LEU A C   1 
ATOM   156 O O   . LEU A 1 22 ? -6.103  5.602   -9.418  1.00 45.98  ? 21  LEU A O   1 
ATOM   157 C CB  . LEU A 1 22 ? -5.143  5.376   -6.323  1.00 50.43  ? 21  LEU A CB  1 
ATOM   158 C CG  . LEU A 1 22 ? -5.007  6.255   -5.088  1.00 46.25  ? 21  LEU A CG  1 
ATOM   159 C CD1 . LEU A 1 22 ? -3.859  5.822   -4.216  1.00 49.58  ? 21  LEU A CD1 1 
ATOM   160 C CD2 . LEU A 1 22 ? -4.799  7.668   -5.553  1.00 57.16  ? 21  LEU A CD2 1 
ATOM   161 N N   . LYS A 1 23 ? -6.765  3.645   -8.523  1.00 42.74  ? 22  LYS A N   1 
ATOM   162 C CA  . LYS A 1 23 ? -6.806  2.970   -9.833  1.00 49.37  ? 22  LYS A CA  1 
ATOM   163 C C   . LYS A 1 23 ? -7.864  3.631   -10.677 1.00 42.94  ? 22  LYS A C   1 
ATOM   164 O O   . LYS A 1 23 ? -7.654  3.861   -11.859 1.00 43.65  ? 22  LYS A O   1 
ATOM   165 C CB  . LYS A 1 23 ? -7.098  1.461   -9.731  1.00 42.00  ? 22  LYS A CB  1 
ATOM   166 C CG  . LYS A 1 23 ? -5.966  0.607   -9.173  1.00 55.77  ? 22  LYS A CG  1 
ATOM   167 C CD  . LYS A 1 23 ? -5.713  -0.653  -10.014 1.00 67.48  ? 22  LYS A CD  1 
ATOM   168 C CE  . LYS A 1 23 ? -6.770  -1.721  -9.789  1.00 59.31  ? 22  LYS A CE  1 
ATOM   169 N NZ  . LYS A 1 23 ? -6.452  -2.618  -8.645  0.00 59.97  ? 22  LYS A NZ  1 
ATOM   170 N N   . GLU A 1 24 ? -9.003  3.946   -10.071 1.00 43.01  ? 23  GLU A N   1 
ATOM   171 C CA  . GLU A 1 24 ? -10.062 4.625   -10.813 1.00 44.42  ? 23  GLU A CA  1 
ATOM   172 C C   . GLU A 1 24 ? -9.588  6.001   -11.283 1.00 47.12  ? 23  GLU A C   1 
ATOM   173 O O   . GLU A 1 24 ? -9.784  6.389   -12.443 1.00 49.47  ? 23  GLU A O   1 
ATOM   174 C CB  . GLU A 1 24 ? -11.321 4.745   -9.966  1.00 46.97  ? 23  GLU A CB  1 
ATOM   175 C CG  . GLU A 1 24 ? -12.188 3.508   -10.010 1.00 53.92  ? 23  GLU A CG  1 
ATOM   176 C CD  . GLU A 1 24 ? -13.548 3.699   -9.352  1.00 68.06  ? 23  GLU A CD  1 
ATOM   177 O OE1 . GLU A 1 24 ? -13.589 4.110   -8.169  1.00 74.52  ? 23  GLU A OE1 1 
ATOM   178 O OE2 . GLU A 1 24 ? -14.575 3.458   -10.027 1.00 72.15  ? 23  GLU A OE2 1 
ATOM   179 N N   . LEU A 1 25 ? -8.923  6.731   -10.399 1.00 51.98  ? 24  LEU A N   1 
ATOM   180 C CA  . LEU A 1 25 ? -8.426  8.048   -10.779 1.00 46.65  ? 24  LEU A CA  1 
ATOM   181 C C   . LEU A 1 25 ? -7.461  7.918   -11.951 1.00 43.39  ? 24  LEU A C   1 
ATOM   182 O O   . LEU A 1 25 ? -7.524  8.679   -12.920 1.00 44.77  ? 24  LEU A O   1 
ATOM   183 C CB  . LEU A 1 25 ? -7.738  8.725   -9.592  1.00 43.04  ? 24  LEU A CB  1 
ATOM   184 C CG  . LEU A 1 25 ? -7.060  10.046  -9.934  1.00 47.98  ? 24  LEU A CG  1 
ATOM   185 C CD1 . LEU A 1 25 ? -8.094  11.028  -10.467 1.00 49.24  ? 24  LEU A CD1 1 
ATOM   186 C CD2 . LEU A 1 25 ? -6.367  10.593  -8.704  1.00 48.82  ? 24  LEU A CD2 1 
ATOM   187 N N   . ALA A 1 26 ? -6.571  6.941   -11.863 1.00 38.81  ? 25  ALA A N   1 
ATOM   188 C CA  . ALA A 1 26 ? -5.570  6.726   -12.913 1.00 47.12  ? 25  ALA A CA  1 
ATOM   189 C C   . ALA A 1 26 ? -6.234  6.448   -14.265 1.00 56.55  ? 25  ALA A C   1 
ATOM   190 O O   . ALA A 1 26 ? -5.811  6.943   -15.318 1.00 53.52  ? 25  ALA A O   1 
ATOM   191 C CB  . ALA A 1 26 ? -4.644  5.575   -12.537 1.00 44.13  ? 25  ALA A CB  1 
ATOM   192 N N   . GLN A 1 27 ? -7.294  5.658   -14.224 1.00 50.73  ? 26  GLN A N   1 
ATOM   193 C CA  . GLN A 1 27 ? -8.013  5.323   -15.435 1.00 54.67  ? 26  GLN A CA  1 
ATOM   194 C C   . GLN A 1 27 ? -8.670  6.583   -15.996 1.00 54.26  ? 26  GLN A C   1 
ATOM   195 O O   . GLN A 1 27 ? -8.580  6.854   -17.187 1.00 58.07  ? 26  GLN A O   1 
ATOM   196 C CB  . GLN A 1 27 ? -9.041  4.222   -15.155 1.00 50.64  ? 26  GLN A CB  1 
ATOM   197 C CG  . GLN A 1 27 ? -9.760  3.717   -16.394 1.00 62.49  ? 26  GLN A CG  1 
ATOM   198 C CD  . GLN A 1 27 ? -8.819  3.143   -17.443 1.00 61.55  ? 26  GLN A CD  1 
ATOM   199 O OE1 . GLN A 1 27 ? -7.734  2.612   -17.134 1.00 65.39  ? 26  GLN A OE1 1 
ATOM   200 N NE2 . GLN A 1 27 ? -9.233  3.250   -18.697 1.00 53.36  ? 26  GLN A NE2 1 
ATOM   201 N N   . ALA A 1 28 ? -9.300  7.371   -15.133 1.00 56.33  ? 27  ALA A N   1 
ATOM   202 C CA  . ALA A 1 28 ? -9.904  8.634   -15.574 1.00 55.96  ? 27  ALA A CA  1 
ATOM   203 C C   . ALA A 1 28 ? -8.875  9.577   -16.193 1.00 61.71  ? 27  ALA A C   1 
ATOM   204 O O   . ALA A 1 28 ? -9.180  10.285  -17.147 1.00 69.57  ? 27  ALA A O   1 
ATOM   205 C CB  . ALA A 1 28 ? -10.602 9.320   -14.423 1.00 48.66  ? 27  ALA A CB  1 
ATOM   206 N N   . LEU A 1 29 ? -7.655  9.584   -15.666 1.00 54.89  ? 28  LEU A N   1 
ATOM   207 C CA  . LEU A 1 29 ? -6.629  10.448  -16.239 1.00 54.02  ? 28  LEU A CA  1 
ATOM   208 C C   . LEU A 1 29 ? -6.189  10.009  -17.625 1.00 61.16  ? 28  LEU A C   1 
ATOM   209 O O   . LEU A 1 29 ? -5.762  10.837  -18.418 1.00 66.38  ? 28  LEU A O   1 
ATOM   210 C CB  . LEU A 1 29 ? -5.413  10.516  -15.338 1.00 55.34  ? 28  LEU A CB  1 
ATOM   211 C CG  . LEU A 1 29 ? -5.682  11.245  -14.036 1.00 59.09  ? 28  LEU A CG  1 
ATOM   212 C CD1 . LEU A 1 29 ? -4.392  11.311  -13.272 1.00 52.79  ? 28  LEU A CD1 1 
ATOM   213 C CD2 . LEU A 1 29 ? -6.229  12.626  -14.334 1.00 58.96  ? 28  LEU A CD2 1 
ATOM   214 N N   . LYS A 1 30 ? -6.259  8.714   -17.912 1.00 65.27  ? 29  LYS A N   1 
ATOM   215 C CA  . LYS A 1 30 ? -6.009  8.249   -19.277 1.00 65.69  ? 29  LYS A CA  1 
ATOM   216 C C   . LYS A 1 30 ? -7.087  8.836   -20.193 1.00 66.17  ? 29  LYS A C   1 
ATOM   217 O O   . LYS A 1 30 ? -6.772  9.438   -21.221 1.00 85.33  ? 29  LYS A O   1 
ATOM   218 C CB  . LYS A 1 30 ? -5.974  6.707   -19.360 1.00 58.80  ? 29  LYS A CB  1 
ATOM   219 C CG  . LYS A 1 30 ? -5.089  6.023   -18.306 1.00 56.94  ? 29  LYS A CG  1 
ATOM   220 C CD  . LYS A 1 30 ? -5.022  4.498   -18.474 1.00 63.53  ? 29  LYS A CD  1 
ATOM   221 C CE  . LYS A 1 30 ? -4.105  3.876   -17.420 1.00 58.02  ? 29  LYS A CE  1 
ATOM   222 N NZ  . LYS A 1 30 ? -3.523  2.568   -17.817 0.00 59.42  ? 29  LYS A NZ  1 
ATOM   223 N N   . GLY A 1 31 ? -8.348  8.700   -19.793 1.00 68.38  ? 30  GLY A N   1 
ATOM   224 C CA  . GLY A 1 31 ? -9.462  9.212   -20.570 1.00 68.00  ? 30  GLY A CA  1 
ATOM   225 C C   . GLY A 1 31 ? -10.767 8.546   -20.193 0.00 65.38  ? 30  GLY A C   1 
ATOM   226 O O   . GLY A 1 31 ? -10.948 7.351   -20.418 0.00 64.36  ? 30  GLY A O   1 
ATOM   227 N N   . GLY B 1 2  ? -0.445  -15.521 15.360  0.00 99.86  ? 1   GLY B N   1 
ATOM   228 C CA  . GLY B 1 2  ? 0.060   -14.454 16.204  0.00 97.50  ? 1   GLY B CA  1 
ATOM   229 C C   . GLY B 1 2  ? -0.953  -13.345 16.405  1.00 97.19  ? 1   GLY B C   1 
ATOM   230 O O   . GLY B 1 2  ? -0.755  -12.466 17.249  1.00 97.04  ? 1   GLY B O   1 
ATOM   231 N N   . GLU B 1 3  ? -2.029  -13.387 15.619  1.00 99.31  ? 2   GLU B N   1 
ATOM   232 C CA  . GLU B 1 3  ? -3.139  -12.426 15.696  1.00 98.63  ? 2   GLU B CA  1 
ATOM   233 C C   . GLU B 1 3  ? -2.737  -10.958 15.459  1.00 100.70 ? 2   GLU B C   1 
ATOM   234 O O   . GLU B 1 3  ? -3.192  -10.331 14.499  1.00 92.29  ? 2   GLU B O   1 
ATOM   235 C CB  . GLU B 1 3  ? -3.853  -12.545 17.040  1.00 102.49 ? 2   GLU B CB  1 
ATOM   236 C CG  . GLU B 1 3  ? -4.933  -11.501 17.233  1.00 107.33 ? 2   GLU B CG  1 
ATOM   237 C CD  . GLU B 1 3  ? -5.955  -11.511 16.104  1.00 119.14 ? 2   GLU B CD  1 
ATOM   238 O OE1 . GLU B 1 3  ? -5.780  -10.749 15.127  1.00 114.56 ? 2   GLU B OE1 1 
ATOM   239 O OE2 . GLU B 1 3  ? -6.929  -12.291 16.187  1.00 131.37 ? 2   GLU B OE2 1 
ATOM   240 N N   . LEU B 1 4  ? -1.920  -10.392 16.339  1.00 92.91  ? 3   LEU B N   1 
ATOM   241 C CA  . LEU B 1 4  ? -1.314  -9.105  16.034  1.00 80.35  ? 3   LEU B CA  1 
ATOM   242 C C   . LEU B 1 4  ? -0.506  -9.240  14.747  1.00 87.77  ? 3   LEU B C   1 
ATOM   243 O O   . LEU B 1 4  ? -0.570  -8.396  13.851  1.00 86.04  ? 3   LEU B O   1 
ATOM   244 C CB  . LEU B 1 4  ? -0.416  -8.632  17.167  1.00 74.54  ? 3   LEU B CB  1 
ATOM   245 C CG  . LEU B 1 4  ? 0.538   -7.505  16.768  1.00 73.88  ? 3   LEU B CG  1 
ATOM   246 C CD1 . LEU B 1 4  ? -0.215  -6.265  16.291  1.00 76.92  ? 3   LEU B CD1 1 
ATOM   247 C CD2 . LEU B 1 4  ? 1.431   -7.149  17.928  1.00 72.52  ? 3   LEU B CD2 1 
ATOM   248 N N   . ALA B 1 5  ? 0.256   -10.320 14.673  1.00 89.62  ? 4   ALA B N   1 
ATOM   249 C CA  . ALA B 1 5  ? 1.035   -10.636 13.490  1.00 85.33  ? 4   ALA B CA  1 
ATOM   250 C C   . ALA B 1 5  ? 0.121   -10.755 12.284  1.00 79.16  ? 4   ALA B C   1 
ATOM   251 O O   . ALA B 1 5  ? 0.476   -10.350 11.179  1.00 81.22  ? 4   ALA B O   1 
ATOM   252 C CB  . ALA B 1 5  ? 1.823   -11.925 13.699  1.00 97.08  ? 4   ALA B CB  1 
ATOM   253 N N   . GLN B 1 6  ? -1.059  -11.314 12.505  1.00 75.30  ? 5   GLN B N   1 
ATOM   254 C CA  . GLN B 1 6  ? -2.046  -11.419 11.448  1.00 82.48  ? 5   GLN B CA  1 
ATOM   255 C C   . GLN B 1 6  ? -2.358  -10.039 10.868  1.00 83.40  ? 5   GLN B C   1 
ATOM   256 O O   . GLN B 1 6  ? -2.337  -9.847  9.656   1.00 78.66  ? 5   GLN B O   1 
ATOM   257 C CB  . GLN B 1 6  ? -3.317  -12.079 11.978  1.00 87.88  ? 5   GLN B CB  1 
ATOM   258 C CG  . GLN B 1 6  ? -4.505  -11.940 11.064  1.00 94.84  ? 5   GLN B CG  1 
ATOM   259 C CD  . GLN B 1 6  ? -4.355  -12.761 9.809   1.00 99.35  ? 5   GLN B CD  1 
ATOM   260 O OE1 . GLN B 1 6  ? -3.610  -13.740 9.780   1.00 106.73 ? 5   GLN B OE1 1 
ATOM   261 N NE2 . GLN B 1 6  ? -5.066  -12.370 8.759   1.00 95.58  ? 5   GLN B NE2 1 
ATOM   262 N N   . ALA B 1 7  ? -2.625  -9.077  11.744  1.00 79.32  ? 6   ALA B N   1 
ATOM   263 C CA  . ALA B 1 7  ? -2.932  -7.719  11.315  1.00 75.59  ? 6   ALA B CA  1 
ATOM   264 C C   . ALA B 1 7  ? -1.808  -7.135  10.469  1.00 67.52  ? 6   ALA B C   1 
ATOM   265 O O   . ALA B 1 7  ? -2.048  -6.626  9.381   1.00 62.26  ? 6   ALA B O   1 
ATOM   266 C CB  . ALA B 1 7  ? -3.196  -6.834  12.518  1.00 67.03  ? 6   ALA B CB  1 
ATOM   267 N N   . LEU B 1 8  ? -0.582  -7.223  10.977  1.00 66.52  ? 7   LEU B N   1 
ATOM   268 C CA  . LEU B 1 8  ? 0.585   -6.697  10.285  1.00 61.59  ? 7   LEU B CA  1 
ATOM   269 C C   . LEU B 1 8  ? 0.760   -7.314  8.906   1.00 71.22  ? 7   LEU B C   1 
ATOM   270 O O   . LEU B 1 8  ? 1.241   -6.646  7.990   1.00 67.14  ? 7   LEU B O   1 
ATOM   271 C CB  . LEU B 1 8  ? 1.840   -6.930  11.107  1.00 63.82  ? 7   LEU B CB  1 
ATOM   272 C CG  . LEU B 1 8  ? 1.931   -6.016  12.316  1.00 69.39  ? 7   LEU B CG  1 
ATOM   273 C CD1 . LEU B 1 8  ? 3.012   -6.507  13.239  1.00 77.80  ? 7   LEU B CD1 1 
ATOM   274 C CD2 . LEU B 1 8  ? 2.226   -4.613  11.849  1.00 64.13  ? 7   LEU B CD2 1 
ATOM   275 N N   . LYS B 1 9  ? 0.379   -8.580  8.750   1.00 68.06  ? 8   LYS B N   1 
ATOM   276 C CA  . LYS B 1 9  ? 0.379   -9.171  7.416   1.00 64.97  ? 8   LYS B CA  1 
ATOM   277 C C   . LYS B 1 9  ? -0.672  -8.567  6.515   1.00 64.99  ? 8   LYS B C   1 
ATOM   278 O O   . LYS B 1 9  ? -0.417  -8.387  5.325   1.00 61.60  ? 8   LYS B O   1 
ATOM   279 C CB  . LYS B 1 9  ? 0.215   -10.699 7.423   0.00 70.79  ? 8   LYS B CB  1 
ATOM   280 C CG  . LYS B 1 9  ? 1.416   -11.364 7.918   0.00 72.42  ? 8   LYS B CG  1 
ATOM   281 C CD  . LYS B 1 9  ? 2.330   -11.257 6.714   0.00 73.12  ? 8   LYS B CD  1 
ATOM   282 C CE  . LYS B 1 9  ? 3.724   -11.114 7.143   0.00 75.80  ? 8   LYS B CE  1 
ATOM   283 N NZ  . LYS B 1 9  ? 4.070   -9.650  7.169   0.00 78.59  ? 8   LYS B NZ  1 
ATOM   284 N N   . GLU B 1 10 ? -1.849  -8.259  7.051   1.00 73.97  ? 9   GLU B N   1 
ATOM   285 C CA  . GLU B 1 10 ? -2.895  -7.648  6.226   1.00 69.10  ? 9   GLU B CA  1 
ATOM   286 C C   . GLU B 1 10 ? -2.457  -6.247  5.768   1.00 53.48  ? 9   GLU B C   1 
ATOM   287 O O   . GLU B 1 10 ? -2.694  -5.833  4.624   1.00 58.30  ? 9   GLU B O   1 
ATOM   288 C CB  . GLU B 1 10 ? -4.210  -7.581  7.001   1.00 74.07  ? 9   GLU B CB  1 
ATOM   289 C CG  . GLU B 1 10 ? -4.555  -8.882  7.726   1.00 89.15  ? 9   GLU B CG  1 
ATOM   290 C CD  . GLU B 1 10 ? -6.023  -8.971  8.105   1.00 103.85 ? 9   GLU B CD  1 
ATOM   291 O OE1 . GLU B 1 10 ? -6.459  -10.027 8.624   1.00 108.05 ? 9   GLU B OE1 1 
ATOM   292 O OE2 . GLU B 1 10 ? -6.738  -7.970  7.892   1.00 104.00 ? 9   GLU B OE2 1 
ATOM   293 N N   . LEU B 1 11 ? -1.778  -5.551  6.670   1.00 49.32  ? 10  LEU B N   1 
ATOM   294 C CA  . LEU B 1 11 ? -1.324  -4.189  6.423   1.00 56.61  ? 10  LEU B CA  1 
ATOM   295 C C   . LEU B 1 11 ? -0.293  -4.147  5.295   1.00 50.54  ? 10  LEU B C   1 
ATOM   296 O O   . LEU B 1 11 ? -0.405  -3.350  4.351   1.00 51.46  ? 10  LEU B O   1 
ATOM   297 C CB  . LEU B 1 11 ? -0.754  -3.595  7.710   1.00 47.74  ? 10  LEU B CB  1 
ATOM   298 C CG  . LEU B 1 11 ? -0.304  -2.136  7.667   1.00 59.82  ? 10  LEU B CG  1 
ATOM   299 C CD1 . LEU B 1 11 ? -1.417  -1.231  7.152   1.00 54.25  ? 10  LEU B CD1 1 
ATOM   300 C CD2 . LEU B 1 11 ? 0.155   -1.695  9.051   1.00 57.80  ? 10  LEU B CD2 1 
ATOM   301 N N   . ALA B 1 12 ? 0.692   -5.033  5.388   1.00 58.66  ? 11  ALA B N   1 
ATOM   302 C CA  . ALA B 1 12 ? 1.729   -5.147  4.368   1.00 53.48  ? 11  ALA B CA  1 
ATOM   303 C C   . ALA B 1 12 ? 1.125   -5.374  2.995   1.00 54.36  ? 11  ALA B C   1 
ATOM   304 O O   . ALA B 1 12 ? 1.565   -4.765  2.017   1.00 56.13  ? 11  ALA B O   1 
ATOM   305 C CB  . ALA B 1 12 ? 2.689   -6.269  4.710   1.00 60.55  ? 11  ALA B CB  1 
ATOM   306 N N   . LYS B 1 13 ? 0.109   -6.231  2.911   1.00 55.28  ? 12  LYS B N   1 
ATOM   307 C CA  . LYS B 1 13 ? -0.471  -6.540  1.611   1.00 48.54  ? 12  LYS B CA  1 
ATOM   308 C C   . LYS B 1 13 ? -1.219  -5.335  1.075   1.00 52.03  ? 12  LYS B C   1 
ATOM   309 O O   . LYS B 1 13 ? -1.165  -5.042  -0.124  1.00 53.24  ? 12  LYS B O   1 
ATOM   310 C CB  . LYS B 1 13 ? -1.400  -7.757  1.680   1.00 50.94  ? 12  LYS B CB  1 
ATOM   311 C CG  . LYS B 1 13 ? -1.666  -8.363  0.309   0.00 55.04  ? 12  LYS B CG  1 
ATOM   312 C CD  . LYS B 1 13 ? -2.175  -9.789  0.403   0.00 56.22  ? 12  LYS B CD  1 
ATOM   313 C CE  . LYS B 1 13 ? -3.556  -9.911  -0.213  0.00 58.09  ? 12  LYS B CE  1 
ATOM   314 N NZ  . LYS B 1 13 ? -3.736  -8.957  -1.342  0.00 60.30  ? 12  LYS B NZ  1 
ATOM   315 N N   . ALA B 1 14 ? -1.914  -4.625  1.963   1.00 54.26  ? 13  ALA B N   1 
ATOM   316 C CA  . ALA B 1 14 ? -2.635  -3.416  1.555   1.00 48.69  ? 13  ALA B CA  1 
ATOM   317 C C   . ALA B 1 14 ? -1.646  -2.337  1.084   1.00 42.68  ? 13  ALA B C   1 
ATOM   318 O O   . ALA B 1 14 ? -1.901  -1.612  0.113   1.00 44.69  ? 13  ALA B O   1 
ATOM   319 C CB  . ALA B 1 14 ? -3.484  -2.900  2.697   1.00 47.17  ? 13  ALA B CB  1 
ATOM   320 N N   . LEU B 1 15 ? -0.510  -2.256  1.766   1.00 40.73  ? 14  LEU B N   1 
ATOM   321 C CA  . LEU B 1 15 ? 0.511   -1.276  1.417   1.00 42.45  ? 14  LEU B CA  1 
ATOM   322 C C   . LEU B 1 15 ? 1.046   -1.519  0.020   1.00 52.65  ? 14  LEU B C   1 
ATOM   323 O O   . LEU B 1 15 ? 1.280   -0.567  -0.746  1.00 49.68  ? 14  LEU B O   1 
ATOM   324 C CB  . LEU B 1 15 ? 1.652   -1.314  2.427   1.00 48.17  ? 14  LEU B CB  1 
ATOM   325 C CG  . LEU B 1 15 ? 1.784   -0.177  3.438   1.00 54.95  ? 14  LEU B CG  1 
ATOM   326 C CD1 . LEU B 1 15 ? 3.072   -0.341  4.200   1.00 59.42  ? 14  LEU B CD1 1 
ATOM   327 C CD2 . LEU B 1 15 ? 1.757   1.186   2.772   1.00 48.42  ? 14  LEU B CD2 1 
ATOM   328 N N   . LYS B 1 16 ? 1.221   -2.797  -0.324  1.00 53.17  ? 15  LYS B N   1 
ATOM   329 C CA  . LYS B 1 16 ? 1.753   -3.146  -1.640  1.00 55.00  ? 15  LYS B CA  1 
ATOM   330 C C   . LYS B 1 16 ? 0.781   -2.726  -2.703  1.00 44.66  ? 15  LYS B C   1 
ATOM   331 O O   . LYS B 1 16 ? 1.164   -2.086  -3.677  1.00 57.37  ? 15  LYS B O   1 
ATOM   332 C CB  . LYS B 1 16 ? 2.042   -4.650  -1.766  1.00 57.81  ? 15  LYS B CB  1 
ATOM   333 C CG  . LYS B 1 16 ? 3.176   -5.150  -0.899  1.00 63.48  ? 15  LYS B CG  1 
ATOM   334 C CD  . LYS B 1 16 ? 3.454   -6.637  -1.113  1.00 72.66  ? 15  LYS B CD  1 
ATOM   335 C CE  . LYS B 1 16 ? 4.679   -7.063  -0.315  0.00 61.60  ? 15  LYS B CE  1 
ATOM   336 N NZ  . LYS B 1 16 ? 4.388   -7.148  1.146   0.00 59.80  ? 15  LYS B NZ  1 
ATOM   337 N N   . GLU B 1 17 ? -0.484  -3.081  -2.515  1.00 44.43  ? 16  GLU B N   1 
ATOM   338 C CA  . GLU B 1 17 ? -1.524  -2.677  -3.464  1.00 44.81  ? 16  GLU B CA  1 
ATOM   339 C C   . GLU B 1 17 ? -1.600  -1.162  -3.652  1.00 47.56  ? 16  GLU B C   1 
ATOM   340 O O   . GLU B 1 17 ? -1.846  -0.670  -4.761  1.00 45.50  ? 16  GLU B O   1 
ATOM   341 C CB  . GLU B 1 17 ? -2.892  -3.183  -3.012  1.00 53.90  ? 16  GLU B CB  1 
ATOM   342 C CG  . GLU B 1 17 ? -3.015  -4.696  -2.880  1.00 63.42  ? 16  GLU B CG  1 
ATOM   343 C CD  . GLU B 1 17 ? -4.442  -5.139  -2.537  1.00 76.19  ? 16  GLU B CD  1 
ATOM   344 O OE1 . GLU B 1 17 ? -4.584  -6.211  -1.910  1.00 80.27  ? 16  GLU B OE1 1 
ATOM   345 O OE2 . GLU B 1 17 ? -5.415  -4.414  -2.870  1.00 67.83  ? 16  GLU B OE2 1 
ATOM   346 N N   . GLN B 1 18 ? -1.424  -0.418  -2.561  1.00 41.32  ? 17  GLN B N   1 
ATOM   347 C CA  A GLN B 1 18 ? -1.465  1.028   -2.648  0.60 45.40  ? 17  GLN B CA  1 
ATOM   348 C CA  B GLN B 1 18 ? -1.439  1.037   -2.645  0.40 44.97  ? 17  GLN B CA  1 
ATOM   349 C C   . GLN B 1 18 ? -0.280  1.517   -3.500  1.00 40.71  ? 17  GLN B C   1 
ATOM   350 O O   . GLN B 1 18 ? -0.449  2.369   -4.378  1.00 40.90  ? 17  GLN B O   1 
ATOM   351 C CB  A GLN B 1 18 ? -1.467  1.626   -1.241  0.60 42.64  ? 17  GLN B CB  1 
ATOM   352 C CB  B GLN B 1 18 ? -1.366  1.679   -1.263  0.40 43.20  ? 17  GLN B CB  1 
ATOM   353 C CG  A GLN B 1 18 ? -2.384  2.823   -1.067  0.60 43.42  ? 17  GLN B CG  1 
ATOM   354 C CG  B GLN B 1 18 ? -1.009  3.152   -1.336  0.40 48.10  ? 17  GLN B CG  1 
ATOM   355 C CD  A GLN B 1 18 ? -1.577  4.096   -1.019  0.60 50.53  ? 17  GLN B CD  1 
ATOM   356 C CD  B GLN B 1 18 ? -1.131  3.855   -0.003  0.40 44.83  ? 17  GLN B CD  1 
ATOM   357 O OE1 A GLN B 1 18 ? -0.343  4.051   -1.027  0.60 46.59  ? 17  GLN B OE1 1 
ATOM   358 O OE1 B GLN B 1 18 ? -0.221  3.815   0.816   0.40 41.30  ? 17  GLN B OE1 1 
ATOM   359 N NE2 A GLN B 1 18 ? -2.254  5.235   -0.970  0.60 40.36  ? 17  GLN B NE2 1 
ATOM   360 N NE2 B GLN B 1 18 ? -2.259  4.507   0.216   0.40 42.96  ? 17  GLN B NE2 1 
ATOM   361 N N   . ALA B 1 19 ? 0.901   0.939   -3.269  1.00 39.17  ? 18  ALA B N   1 
ATOM   362 C CA  . ALA B 1 19 ? 2.107   1.298   -4.036  1.00 45.84  ? 18  ALA B CA  1 
ATOM   363 C C   . ALA B 1 19 ? 1.954   1.047   -5.531  1.00 41.03  ? 18  ALA B C   1 
ATOM   364 O O   . ALA B 1 19 ? 2.423   1.812   -6.381  1.00 46.78  ? 18  ALA B O   1 
ATOM   365 C CB  . ALA B 1 19 ? 3.299   0.532   -3.512  1.00 49.20  ? 18  ALA B CB  1 
ATOM   366 N N   . TRP B 1 20 ? 1.258   -0.023  -5.855  1.00 41.64  ? 19  TRP B N   1 
ATOM   367 C CA  . TRP B 1 20 ? 1.052   -0.363  -7.253  1.00 43.82  ? 19  TRP B CA  1 
ATOM   368 C C   . TRP B 1 20 ? 0.045   0.575   -7.909  1.00 47.86  ? 19  TRP B C   1 
ATOM   369 O O   . TRP B 1 20 ? 0.227   0.999   -9.052  1.00 47.88  ? 19  TRP B O   1 
ATOM   370 C CB  . TRP B 1 20 ? 0.644   -1.831  -7.339  1.00 56.61  ? 19  TRP B CB  1 
ATOM   371 C CG  . TRP B 1 20 ? 1.796   -2.742  -6.808  1.00 71.35  ? 19  TRP B CG  1 
ATOM   372 C CD1 . TRP B 1 20 ? 3.133   -2.388  -6.635  1.00 77.44  ? 19  TRP B CD1 1 
ATOM   373 C CD2 . TRP B 1 20 ? 1.699   -4.116  -6.405  1.00 75.39  ? 19  TRP B CD2 1 
ATOM   374 N NE1 . TRP B 1 20 ? 3.856   -3.463  -6.148  1.00 63.32  ? 19  TRP B NE1 1 
ATOM   375 C CE2 . TRP B 1 20 ? 3.005   -4.535  -5.998  1.00 78.51  ? 19  TRP B CE2 1 
ATOM   376 C CE3 . TRP B 1 20 ? 0.650   -5.046  -6.342  1.00 74.48  ? 19  TRP B CE3 1 
ATOM   377 C CZ2 . TRP B 1 20 ? 3.269   -5.829  -5.539  1.00 76.91  ? 19  TRP B CZ2 1 
ATOM   378 C CZ3 . TRP B 1 20 ? 0.916   -6.329  -5.886  1.00 76.46  ? 19  TRP B CZ3 1 
ATOM   379 C CH2 . TRP B 1 20 ? 2.217   -6.710  -5.495  1.00 79.92  ? 19  TRP B CH2 1 
ATOM   380 N N   . ALA B 1 21 ? -0.989  0.952   -7.159  1.00 46.33  ? 20  ALA B N   1 
ATOM   381 C CA  . ALA B 1 21 ? -1.897  2.012   -7.592  1.00 39.91  ? 20  ALA B CA  1 
ATOM   382 C C   . ALA B 1 21 ? -1.166  3.345   -7.802  1.00 39.44  ? 20  ALA B C   1 
ATOM   383 O O   . ALA B 1 21 ? -1.456  4.070   -8.750  1.00 46.98  ? 20  ALA B O   1 
ATOM   384 C CB  . ALA B 1 21 ? -3.024  2.188   -6.574  1.00 50.42  ? 20  ALA B CB  1 
ATOM   385 N N   . LEU B 1 22 ? -0.220  3.687   -6.928  1.00 43.28  ? 21  LEU B N   1 
ATOM   386 C CA  . LEU B 1 22 ? 0.531   4.929   -7.152  1.00 41.39  ? 21  LEU B CA  1 
ATOM   387 C C   . LEU B 1 22 ? 1.320   4.880   -8.454  1.00 45.38  ? 21  LEU B C   1 
ATOM   388 O O   . LEU B 1 22 ? 1.420   5.879   -9.171  1.00 47.20  ? 21  LEU B O   1 
ATOM   389 C CB  . LEU B 1 22 ? 1.493   5.216   -6.019  1.00 40.72  ? 21  LEU B CB  1 
ATOM   390 C CG  . LEU B 1 22 ? 1.076   5.966   -4.771  1.00 58.21  ? 21  LEU B CG  1 
ATOM   391 C CD1 . LEU B 1 22 ? 2.362   6.405   -4.092  1.00 57.45  ? 21  LEU B CD1 1 
ATOM   392 C CD2 . LEU B 1 22 ? 0.211   7.166   -5.094  1.00 48.12  ? 21  LEU B CD2 1 
ATOM   393 N N   . LYS B 1 23 ? 1.893   3.723   -8.764  1.00 48.85  ? 22  LYS B N   1 
ATOM   394 C CA  . LYS B 1 23 ? 2.614   3.593   -10.030 1.00 48.49  ? 22  LYS B CA  1 
ATOM   395 C C   . LYS B 1 23 ? 1.683   3.758   -11.221 1.00 50.31  ? 22  LYS B C   1 
ATOM   396 O O   . LYS B 1 23 ? 2.053   4.409   -12.199 1.00 55.72  ? 22  LYS B O   1 
ATOM   397 C CB  . LYS B 1 23 ? 3.349   2.257   -10.125 1.00 46.54  ? 22  LYS B CB  1 
ATOM   398 C CG  . LYS B 1 23 ? 4.479   2.160   -9.148  1.00 53.74  ? 22  LYS B CG  1 
ATOM   399 C CD  . LYS B 1 23 ? 5.101   0.779   -9.094  1.00 67.39  ? 22  LYS B CD  1 
ATOM   400 C CE  . LYS B 1 23 ? 6.613   0.911   -9.195  0.00 56.46  ? 22  LYS B CE  1 
ATOM   401 N NZ  . LYS B 1 23 ? 7.321   -0.383  -9.019  0.00 58.21  ? 22  LYS B NZ  1 
ATOM   402 N N   . GLU B 1 24 ? 0.486   3.177   -11.156 1.00 48.28  ? 23  GLU B N   1 
ATOM   403 C CA  . GLU B 1 24 ? -0.459  3.334   -12.271 1.00 51.57  ? 23  GLU B CA  1 
ATOM   404 C C   . GLU B 1 24 ? -0.815  4.798   -12.482 1.00 55.56  ? 23  GLU B C   1 
ATOM   405 O O   . GLU B 1 24 ? -1.001  5.260   -13.615 1.00 52.51  ? 23  GLU B O   1 
ATOM   406 C CB  . GLU B 1 24 ? -1.733  2.542   -12.030 1.00 47.40  ? 23  GLU B CB  1 
ATOM   407 C CG  . GLU B 1 24 ? -1.594  1.058   -12.291 1.00 71.21  ? 23  GLU B CG  1 
ATOM   408 C CD  . GLU B 1 24 ? -2.949  0.381   -12.463 1.00 83.98  ? 23  GLU B CD  1 
ATOM   409 O OE1 . GLU B 1 24 ? -3.780  0.893   -13.260 1.00 85.74  ? 23  GLU B OE1 1 
ATOM   410 O OE2 . GLU B 1 24 ? -3.175  -0.660  -11.802 1.00 80.16  ? 23  GLU B OE2 1 
ATOM   411 N N   . LEU B 1 25 ? -0.910  5.525   -11.377 1.00 46.79  ? 24  LEU B N   1 
ATOM   412 C CA  . LEU B 1 25 ? -1.191  6.946   -11.434 1.00 45.37  ? 24  LEU B CA  1 
ATOM   413 C C   . LEU B 1 25 ? -0.029  7.658   -12.135 1.00 45.53  ? 24  LEU B C   1 
ATOM   414 O O   . LEU B 1 25 ? -0.230  8.486   -13.020 1.00 44.12  ? 24  LEU B O   1 
ATOM   415 C CB  . LEU B 1 25 ? -1.387  7.484   -10.017 1.00 53.80  ? 24  LEU B CB  1 
ATOM   416 C CG  . LEU B 1 25 ? -2.295  8.661   -9.702  1.00 46.15  ? 24  LEU B CG  1 
ATOM   417 C CD1 . LEU B 1 25 ? -3.588  8.605   -10.491 1.00 45.12  ? 24  LEU B CD1 1 
ATOM   418 C CD2 . LEU B 1 25 ? -2.567  8.641   -8.215  1.00 42.20  ? 24  LEU B CD2 1 
ATOM   419 N N   . ALA B 1 26 ? 1.193   7.316   -11.736 1.00 41.64  ? 25  ALA B N   1 
ATOM   420 C CA  . ALA B 1 26 ? 2.380   7.956   -12.298 1.00 47.51  ? 25  ALA B CA  1 
ATOM   421 C C   . ALA B 1 26 ? 2.451   7.771   -13.811 1.00 56.22  ? 25  ALA B C   1 
ATOM   422 O O   . ALA B 1 26 ? 2.705   8.717   -14.560 1.00 63.42  ? 25  ALA B O   1 
ATOM   423 C CB  . ALA B 1 26 ? 3.638   7.405   -11.635 1.00 49.35  ? 25  ALA B CB  1 
ATOM   424 N N   . GLN B 1 27 ? 2.206   6.547   -14.259 1.00 53.62  ? 26  GLN B N   1 
ATOM   425 C CA  . GLN B 1 27 ? 2.247   6.232   -15.680 1.00 56.84  ? 26  GLN B CA  1 
ATOM   426 C C   . GLN B 1 27 ? 1.148   6.952   -16.461 1.00 65.97  ? 26  GLN B C   1 
ATOM   427 O O   . GLN B 1 27 ? 1.387   7.422   -17.569 1.00 69.26  ? 26  GLN B O   1 
ATOM   428 C CB  . GLN B 1 27 ? 2.151   4.720   -15.873 1.00 53.52  ? 26  GLN B CB  1 
ATOM   429 C CG  . GLN B 1 27 ? 3.381   3.997   -15.324 1.00 66.80  ? 26  GLN B CG  1 
ATOM   430 C CD  . GLN B 1 27 ? 3.108   2.562   -14.889 1.00 79.38  ? 26  GLN B CD  1 
ATOM   431 O OE1 . GLN B 1 27 ? 2.122   1.947   -15.304 1.00 86.92  ? 26  GLN B OE1 1 
ATOM   432 N NE2 . GLN B 1 27 ? 3.988   2.023   -14.043 1.00 77.87  ? 26  GLN B NE2 1 
ATOM   433 N N   . ALA B 1 28 ? -0.049  7.056   -15.882 1.00 62.22  ? 27  ALA B N   1 
ATOM   434 C CA  . ALA B 1 28 ? -1.139  7.799   -16.524 1.00 60.10  ? 27  ALA B CA  1 
ATOM   435 C C   . ALA B 1 28 ? -0.783  9.280   -16.758 1.00 63.58  ? 27  ALA B C   1 
ATOM   436 O O   . ALA B 1 28 ? -1.231  9.896   -17.729 1.00 70.68  ? 27  ALA B O   1 
ATOM   437 C CB  . ALA B 1 28 ? -2.406  7.685   -15.694 1.00 53.94  ? 27  ALA B CB  1 
ATOM   438 N N   . LEU B 1 29 ? 0.032   9.846   -15.875 1.00 59.19  ? 28  LEU B N   1 
ATOM   439 C CA  . LEU B 1 29 ? 0.501   11.220  -16.048 1.00 59.78  ? 28  LEU B CA  1 
ATOM   440 C C   . LEU B 1 29 ? 1.410   11.403  -17.267 1.00 67.77  ? 28  LEU B C   1 
ATOM   441 O O   . LEU B 1 29 ? 1.336   12.422  -17.950 1.00 78.45  ? 28  LEU B O   1 
ATOM   442 C CB  . LEU B 1 29 ? 1.240   11.685  -14.800 1.00 63.09  ? 28  LEU B CB  1 
ATOM   443 C CG  . LEU B 1 29 ? 0.366   12.138  -13.631 1.00 62.59  ? 28  LEU B CG  1 
ATOM   444 C CD1 . LEU B 1 29 ? 1.221   12.866  -12.585 1.00 56.87  ? 28  LEU B CD1 1 
ATOM   445 C CD2 . LEU B 1 29 ? -0.726  13.035  -14.159 1.00 58.38  ? 28  LEU B CD2 1 
ATOM   446 N N   . LYS B 1 30 ? 2.281   10.433  -17.528 1.00 71.21  ? 29  LYS B N   1 
ATOM   447 C CA  . LYS B 1 30 ? 3.134   10.481  -18.713 1.00 74.36  ? 29  LYS B CA  1 
ATOM   448 C C   . LYS B 1 30 ? 2.464   9.847   -19.940 1.00 63.89  ? 29  LYS B C   1 
ATOM   449 O O   . LYS B 1 30 ? 1.485   10.373  -20.488 1.00 74.61  ? 29  LYS B O   1 
ATOM   450 C CB  . LYS B 1 30 ? 4.462   9.781   -18.435 1.00 75.48  ? 29  LYS B CB  1 
ATOM   451 C CG  . LYS B 1 30 ? 5.240   10.354  -17.264 1.00 71.36  ? 29  LYS B CG  1 
ATOM   452 C CD  . LYS B 1 30 ? 6.503   9.548   -16.971 0.00 66.64  ? 29  LYS B CD  1 
ATOM   453 C CE  . LYS B 1 30 ? 6.920   8.682   -18.155 0.00 67.01  ? 29  LYS B CE  1 
ATOM   454 N NZ  . LYS B 1 30 ? 8.399   8.524   -18.238 0.00 65.34  ? 29  LYS B NZ  1 
ATOM   455 N N   . GLY C 1 2  ? 8.895   -13.928 17.358  1.00 107.06 ? 1   GLY C N   1 
ATOM   456 C CA  . GLY C 1 2  ? 8.455   -15.252 16.954  1.00 114.40 ? 1   GLY C CA  1 
ATOM   457 C C   . GLY C 1 2  ? 8.122   -15.347 15.476  1.00 111.36 ? 1   GLY C C   1 
ATOM   458 O O   . GLY C 1 2  ? 9.013   -15.303 14.646  1.00 110.12 ? 1   GLY C O   1 
ATOM   459 N N   . GLU C 1 3  ? 6.842   -15.491 15.146  1.00 111.89 ? 2   GLU C N   1 
ATOM   460 C CA  . GLU C 1 3  ? 6.400   -15.446 13.757  1.00 97.91  ? 2   GLU C CA  1 
ATOM   461 C C   . GLU C 1 3  ? 5.534   -14.205 13.606  1.00 97.06  ? 2   GLU C C   1 
ATOM   462 O O   . GLU C 1 3  ? 4.612   -14.164 12.801  1.00 90.45  ? 2   GLU C O   1 
ATOM   463 C CB  . GLU C 1 3  ? 5.719   -16.754 13.328  0.00 100.64 ? 2   GLU C CB  1 
ATOM   464 C CG  . GLU C 1 3  ? 6.757   -17.894 13.334  0.00 100.11 ? 2   GLU C CG  1 
ATOM   465 C CD  . GLU C 1 3  ? 8.102   -17.552 12.619  0.00 99.40  ? 2   GLU C CD  1 
ATOM   466 O OE1 . GLU C 1 3  ? 8.185   -16.585 11.840  0.00 97.94  ? 2   GLU C OE1 1 
ATOM   467 O OE2 . GLU C 1 3  ? 9.107   -18.261 12.831  0.00 99.17  ? 2   GLU C OE2 1 
ATOM   468 N N   . LEU C 1 4  ? 5.824   -13.219 14.464  1.00 98.11  ? 3   LEU C N   1 
ATOM   469 C CA  . LEU C 1 4  ? 5.562   -11.808 14.197  1.00 92.38  ? 3   LEU C CA  1 
ATOM   470 C C   . LEU C 1 4  ? 6.891   -11.275 13.674  1.00 92.91  ? 3   LEU C C   1 
ATOM   471 O O   . LEU C 1 4  ? 7.062   -10.077 13.483  1.00 89.64  ? 3   LEU C O   1 
ATOM   472 C CB  . LEU C 1 4  ? 5.102   -11.024 15.447  1.00 85.66  ? 3   LEU C CB  1 
ATOM   473 C CG  . LEU C 1 4  ? 6.117   -10.434 16.446  0.00 89.06  ? 3   LEU C CG  1 
ATOM   474 C CD1 . LEU C 1 4  ? 6.382   -8.957  16.175  0.00 86.03  ? 3   LEU C CD1 1 
ATOM   475 C CD2 . LEU C 1 4  ? 5.642   -10.611 17.875  0.00 87.80  ? 3   LEU C CD2 1 
ATOM   476 N N   . ALA C 1 5  ? 7.844   -12.173 13.450  1.00 94.20  ? 4   ALA C N   1 
ATOM   477 C CA  . ALA C 1 5  ? 9.160   -11.755 13.001  1.00 89.02  ? 4   ALA C CA  1 
ATOM   478 C C   . ALA C 1 5  ? 9.188   -11.534 11.483  1.00 78.81  ? 4   ALA C C   1 
ATOM   479 O O   . ALA C 1 5  ? 9.742   -10.541 11.018  1.00 77.52  ? 4   ALA C O   1 
ATOM   480 C CB  . ALA C 1 5  ? 10.210  -12.771 13.442  1.00 100.34 ? 4   ALA C CB  1 
ATOM   481 N N   . GLN C 1 6  ? 8.601   -12.419 10.699  1.00 74.80  ? 5   GLN C N   1 
ATOM   482 C CA  . GLN C 1 6  ? 8.468   -12.092 9.289   1.00 88.37  ? 5   GLN C CA  1 
ATOM   483 C C   . GLN C 1 6  ? 7.220   -11.311 8.988   1.00 82.68  ? 5   GLN C C   1 
ATOM   484 O O   . GLN C 1 6  ? 7.009   -10.905 7.846   1.00 80.62  ? 5   GLN C O   1 
ATOM   485 C CB  . GLN C 1 6  ? 8.524   -13.362 8.478   1.00 94.05  ? 5   GLN C CB  1 
ATOM   486 C CG  . GLN C 1 6  ? 7.445   -14.472 8.700   1.00 77.88  ? 5   GLN C CG  1 
ATOM   487 C CD  . GLN C 1 6  ? 6.664   -14.501 10.105  1.00 88.22  ? 5   GLN C CD  1 
ATOM   488 O OE1 . GLN C 1 6  ? 6.751   -13.616 10.962  0.00 90.39  ? 5   GLN C OE1 1 
ATOM   489 N NE2 . GLN C 1 6  ? 6.111   -15.635 10.388  0.00 91.42  ? 5   GLN C NE2 1 
ATOM   490 N N   . ALA C 1 7  ? 6.392   -11.107 10.005  1.00 85.50  ? 6   ALA C N   1 
ATOM   491 C CA  . ALA C 1 7  ? 5.389   -10.026 9.949   1.00 74.46  ? 6   ALA C CA  1 
ATOM   492 C C   . ALA C 1 7  ? 6.101   -8.730  9.554   1.00 67.29  ? 6   ALA C C   1 
ATOM   493 O O   . ALA C 1 7  ? 5.885   -8.160  8.474   1.00 62.94  ? 6   ALA C O   1 
ATOM   494 C CB  . ALA C 1 7  ? 4.638   -9.868  11.264  1.00 85.22  ? 6   ALA C CB  1 
ATOM   495 N N   . LEU C 1 8  ? 7.067   -8.336  10.399  1.00 61.77  ? 7   LEU C N   1 
ATOM   496 C CA  . LEU C 1 8  ? 7.788   -7.091  10.185  1.00 65.94  ? 7   LEU C CA  1 
ATOM   497 C C   . LEU C 1 8  ? 8.636   -7.142  8.892   1.00 71.10  ? 7   LEU C C   1 
ATOM   498 O O   . LEU C 1 8  ? 8.893   -6.105  8.247   1.00 72.05  ? 7   LEU C O   1 
ATOM   499 C CB  . LEU C 1 8  ? 8.689   -6.750  11.404  1.00 62.89  ? 7   LEU C CB  1 
ATOM   500 C CG  . LEU C 1 8  ? 8.059   -6.422  12.766  1.00 71.73  ? 7   LEU C CG  1 
ATOM   501 C CD1 . LEU C 1 8  ? 8.936   -5.525  13.691  1.00 77.95  ? 7   LEU C CD1 1 
ATOM   502 C CD2 . LEU C 1 8  ? 6.708   -5.805  12.545  1.00 59.32  ? 7   LEU C CD2 1 
ATOM   503 N N   . LYS C 1 9  ? 9.060   -8.340  8.501   1.00 63.05  ? 8   LYS C N   1 
ATOM   504 C CA  . LYS C 1 9  ? 9.907   -8.471  7.329   1.00 69.21  ? 8   LYS C CA  1 
ATOM   505 C C   . LYS C 1 9  ? 9.095   -8.143  6.079   1.00 62.85  ? 8   LYS C C   1 
ATOM   506 O O   . LYS C 1 9  ? 9.553   -7.393  5.210   1.00 60.14  ? 8   LYS C O   1 
ATOM   507 C CB  . LYS C 1 9  ? 10.506  -9.876  7.235   1.00 58.78  ? 8   LYS C CB  1 
ATOM   508 C CG  . LYS C 1 9  ? 11.109  -10.183 5.877   0.00 65.51  ? 8   LYS C CG  1 
ATOM   509 C CD  . LYS C 1 9  ? 12.041  -11.379 5.948   0.00 65.86  ? 8   LYS C CD  1 
ATOM   510 C CE  . LYS C 1 9  ? 12.174  -12.075 4.603   0.00 67.14  ? 8   LYS C CE  1 
ATOM   511 N NZ  . LYS C 1 9  ? 13.013  -13.303 4.698   0.00 68.19  ? 8   LYS C NZ  1 
ATOM   512 N N   . GLU C 1 10 ? 7.894   -8.708  6.001   1.00 57.02  ? 9   GLU C N   1 
ATOM   513 C CA  . GLU C 1 10 ? 7.028   -8.490  4.847   1.00 67.33  ? 9   GLU C CA  1 
ATOM   514 C C   . GLU C 1 10 ? 6.511   -7.031  4.833   1.00 62.78  ? 9   GLU C C   1 
ATOM   515 O O   . GLU C 1 10 ? 6.243   -6.457  3.769   1.00 63.26  ? 9   GLU C O   1 
ATOM   516 C CB  . GLU C 1 10 ? 5.875   -9.505  4.852   1.00 55.75  ? 9   GLU C CB  1 
ATOM   517 C CG  . GLU C 1 10 ? 5.307   -9.959  3.482   1.00 78.40  ? 9   GLU C CG  1 
ATOM   518 C CD  . GLU C 1 10 ? 6.340   -10.514 2.478   1.00 67.89  ? 9   GLU C CD  1 
ATOM   519 O OE1 . GLU C 1 10 ? 7.420   -10.984 2.894   0.00 64.53  ? 9   GLU C OE1 1 
ATOM   520 O OE2 . GLU C 1 10 ? 6.047   -10.491 1.264   0.00 64.64  ? 9   GLU C OE2 1 
ATOM   521 N N   . LEU C 1 11 ? 6.407   -6.418  6.007   1.00 52.75  ? 10  LEU C N   1 
ATOM   522 C CA  . LEU C 1 11 ? 6.030   -5.014  6.058   1.00 58.59  ? 10  LEU C CA  1 
ATOM   523 C C   . LEU C 1 11 ? 7.198   -4.131  5.602   1.00 57.33  ? 10  LEU C C   1 
ATOM   524 O O   . LEU C 1 11 ? 6.986   -3.113  4.935   1.00 54.56  ? 10  LEU C O   1 
ATOM   525 C CB  . LEU C 1 11 ? 5.550   -4.627  7.462   1.00 61.20  ? 10  LEU C CB  1 
ATOM   526 C CG  . LEU C 1 11 ? 5.141   -3.172  7.762   1.00 57.89  ? 10  LEU C CG  1 
ATOM   527 C CD1 . LEU C 1 11 ? 4.070   -2.651  6.821   1.00 51.83  ? 10  LEU C CD1 1 
ATOM   528 C CD2 . LEU C 1 11 ? 4.653   -3.060  9.186   1.00 53.58  ? 10  LEU C CD2 1 
ATOM   529 N N   . ALA C 1 12 ? 8.429   -4.528  5.922   1.00 56.54  ? 11  ALA C N   1 
ATOM   530 C CA  . ALA C 1 12 ? 9.601   -3.751  5.497   1.00 52.44  ? 11  ALA C CA  1 
ATOM   531 C C   . ALA C 1 12 ? 9.727   -3.719  3.979   1.00 49.65  ? 11  ALA C C   1 
ATOM   532 O O   . ALA C 1 12 ? 10.153  -2.705  3.397   1.00 49.75  ? 11  ALA C O   1 
ATOM   533 C CB  . ALA C 1 12 ? 10.865  -4.312  6.111   1.00 56.95  ? 11  ALA C CB  1 
ATOM   534 N N   . LYS C 1 13 ? 9.347   -4.828  3.346   1.00 46.30  ? 12  LYS C N   1 
ATOM   535 C CA  . LYS C 1 13 ? 9.379   -4.930  1.888   1.00 51.65  ? 12  LYS C CA  1 
ATOM   536 C C   . LYS C 1 13 ? 8.338   -4.001  1.271   1.00 44.89  ? 12  LYS C C   1 
ATOM   537 O O   . LYS C 1 13 ? 8.623   -3.274  0.311   1.00 48.88  ? 12  LYS C O   1 
ATOM   538 C CB  . LYS C 1 13 ? 9.116   -6.370  1.427   1.00 50.92  ? 12  LYS C CB  1 
ATOM   539 C CG  . LYS C 1 13 ? 10.177  -7.391  1.806   1.00 57.08  ? 12  LYS C CG  1 
ATOM   540 C CD  . LYS C 1 13 ? 9.865   -8.752  1.192   1.00 53.81  ? 12  LYS C CD  1 
ATOM   541 C CE  . LYS C 1 13 ? 10.923  -9.785  1.566   1.00 65.86  ? 12  LYS C CE  1 
ATOM   542 N NZ  . LYS C 1 13 ? 10.786  -11.037 0.762   1.00 58.16  ? 12  LYS C NZ  1 
ATOM   543 N N   . ALA C 1 14 ? 7.127   -4.066  1.816   1.00 48.07  ? 13  ALA C N   1 
ATOM   544 C CA  . ALA C 1 14 ? 6.027   -3.178  1.433   1.00 50.58  ? 13  ALA C CA  1 
ATOM   545 C C   . ALA C 1 14 ? 6.445   -1.709  1.479   1.00 43.06  ? 13  ALA C C   1 
ATOM   546 O O   . ALA C 1 14 ? 6.251   -0.971  0.515   1.00 45.81  ? 13  ALA C O   1 
ATOM   547 C CB  . ALA C 1 14 ? 4.832   -3.408  2.340   1.00 43.01  ? 13  ALA C CB  1 
ATOM   548 N N   . LEU C 1 15 ? 7.033   -1.296  2.601   1.00 47.11  ? 14  LEU C N   1 
ATOM   549 C CA  . LEU C 1 15 ? 7.503   0.076   2.762   1.00 45.00  ? 14  LEU C CA  1 
ATOM   550 C C   . LEU C 1 15 ? 8.507   0.446   1.697   1.00 53.39  ? 14  LEU C C   1 
ATOM   551 O O   . LEU C 1 15 ? 8.505   1.581   1.205   1.00 51.66  ? 14  LEU C O   1 
ATOM   552 C CB  . LEU C 1 15 ? 8.125   0.277   4.141   1.00 45.40  ? 14  LEU C CB  1 
ATOM   553 C CG  . LEU C 1 15 ? 7.026   0.271   5.198   1.00 60.23  ? 14  LEU C CG  1 
ATOM   554 C CD1 . LEU C 1 15 ? 7.591   0.345   6.592   1.00 60.33  ? 14  LEU C CD1 1 
ATOM   555 C CD2 . LEU C 1 15 ? 6.103   1.443   4.940   1.00 50.30  ? 14  LEU C CD2 1 
ATOM   556 N N   . LYS C 1 16 ? 9.363   -0.506  1.333   1.00 45.31  ? 15  LYS C N   1 
ATOM   557 C CA  . LYS C 1 16 ? 10.305  -0.238  0.256   1.00 48.81  ? 15  LYS C CA  1 
ATOM   558 C C   . LYS C 1 16 ? 9.536   -0.048  -1.063  1.00 42.91  ? 15  LYS C C   1 
ATOM   559 O O   . LYS C 1 16 ? 9.821   0.899   -1.803  1.00 43.66  ? 15  LYS C O   1 
ATOM   560 C CB  . LYS C 1 16 ? 11.385  -1.351  0.147   1.00 52.79  ? 15  LYS C CB  1 
ATOM   561 C CG  . LYS C 1 16 ? 12.495  -1.181  1.208   1.00 61.27  ? 15  LYS C CG  1 
ATOM   562 C CD  . LYS C 1 16 ? 13.779  -1.983  0.957   1.00 68.57  ? 15  LYS C CD  1 
ATOM   563 C CE  . LYS C 1 16 ? 14.988  -1.161  1.419   0.00 61.67  ? 15  LYS C CE  1 
ATOM   564 N NZ  . LYS C 1 16 ? 16.129  -1.151  0.457   0.00 61.11  ? 15  LYS C NZ  1 
ATOM   565 N N   . GLU C 1 17 ? 8.556   -0.905  -1.355  1.00 44.22  ? 16  GLU C N   1 
ATOM   566 C CA  . GLU C 1 17 ? 7.803   -0.775  -2.620  1.00 50.37  ? 16  GLU C CA  1 
ATOM   567 C C   . GLU C 1 17 ? 7.120   0.588   -2.699  1.00 42.27  ? 16  GLU C C   1 
ATOM   568 O O   . GLU C 1 17 ? 7.023   1.213   -3.762  1.00 45.23  ? 16  GLU C O   1 
ATOM   569 C CB  . GLU C 1 17 ? 6.747   -1.878  -2.759  1.00 49.17  ? 16  GLU C CB  1 
ATOM   570 C CG  . GLU C 1 17 ? 7.305   -3.280  -2.863  1.00 55.03  ? 16  GLU C CG  1 
ATOM   571 C CD  . GLU C 1 17 ? 7.019   -3.905  -4.203  1.00 56.39  ? 16  GLU C CD  1 
ATOM   572 O OE1 . GLU C 1 17 ? 6.711   -5.114  -4.222  1.00 67.17  ? 16  GLU C OE1 1 
ATOM   573 O OE2 . GLU C 1 17 ? 7.106   -3.184  -5.235  1.00 67.60  ? 16  GLU C OE2 1 
ATOM   574 N N   . GLN C 1 18 ? 6.653   1.023   -1.538  1.00 50.36  ? 17  GLN C N   1 
ATOM   575 C CA  . GLN C 1 18 ? 5.998   2.308   -1.338  1.00 51.34  ? 17  GLN C CA  1 
ATOM   576 C C   . GLN C 1 18 ? 6.927   3.468   -1.752  1.00 51.28  ? 17  GLN C C   1 
ATOM   577 O O   . GLN C 1 18 ? 6.551   4.356   -2.536  1.00 51.61  ? 17  GLN C O   1 
ATOM   578 C CB  . GLN C 1 18 ? 5.577   2.396   0.135   1.00 55.55  ? 17  GLN C CB  1 
ATOM   579 C CG  . GLN C 1 18 ? 4.803   3.607   0.511   1.00 68.48  ? 17  GLN C CG  1 
ATOM   580 C CD  . GLN C 1 18 ? 3.435   3.635   -0.112  1.00 57.25  ? 17  GLN C CD  1 
ATOM   581 O OE1 . GLN C 1 18 ? 3.062   4.634   -0.717  1.00 66.56  ? 17  GLN C OE1 1 
ATOM   582 N NE2 . GLN C 1 18 ? 2.671   2.544   0.039   1.00 51.53  ? 17  GLN C NE2 1 
ATOM   583 N N   . ALA C 1 19 ? 8.162   3.414   -1.266  1.00 44.48  ? 18  ALA C N   1 
ATOM   584 C CA  . ALA C 1 19 ? 9.176   4.400   -1.620  1.00 44.80  ? 18  ALA C CA  1 
ATOM   585 C C   . ALA C 1 19 ? 9.471   4.438   -3.108  1.00 48.67  ? 18  ALA C C   1 
ATOM   586 O O   . ALA C 1 19 ? 9.576   5.521   -3.687  1.00 49.27  ? 18  ALA C O   1 
ATOM   587 C CB  . ALA C 1 19 ? 10.446  4.129   -0.856  1.00 49.36  ? 18  ALA C CB  1 
ATOM   588 N N   . TRP C 1 20 ? 9.599   3.268   -3.739  1.00 50.18  ? 19  TRP C N   1 
ATOM   589 C CA  . TRP C 1 20 ? 9.888   3.239   -5.175  1.00 47.21  ? 19  TRP C CA  1 
ATOM   590 C C   . TRP C 1 20 ? 8.725   3.859   -5.939  1.00 40.73  ? 19  TRP C C   1 
ATOM   591 O O   . TRP C 1 20 ? 8.916   4.615   -6.904  1.00 45.26  ? 19  TRP C O   1 
ATOM   592 C CB  . TRP C 1 20 ? 10.147  1.806   -5.678  1.00 45.30  ? 19  TRP C CB  1 
ATOM   593 C CG  . TRP C 1 20 ? 11.182  1.046   -4.894  1.00 50.17  ? 19  TRP C CG  1 
ATOM   594 C CD1 . TRP C 1 20 ? 12.175  1.574   -4.119  1.00 53.82  ? 19  TRP C CD1 1 
ATOM   595 C CD2 . TRP C 1 20 ? 11.302  -0.386  -4.793  1.00 50.40  ? 19  TRP C CD2 1 
ATOM   596 N NE1 . TRP C 1 20 ? 12.903  0.559   -3.532  1.00 51.82  ? 19  TRP C NE1 1 
ATOM   597 C CE2 . TRP C 1 20 ? 12.392  -0.648  -3.927  1.00 53.33  ? 19  TRP C CE2 1 
ATOM   598 C CE3 . TRP C 1 20 ? 10.604  -1.468  -5.338  1.00 50.55  ? 19  TRP C CE3 1 
ATOM   599 C CZ2 . TRP C 1 20 ? 12.799  -1.951  -3.613  1.00 53.75  ? 19  TRP C CZ2 1 
ATOM   600 C CZ3 . TRP C 1 20 ? 11.000  -2.757  -5.009  1.00 52.18  ? 19  TRP C CZ3 1 
ATOM   601 C CH2 . TRP C 1 20 ? 12.090  -2.985  -4.158  1.00 50.96  ? 19  TRP C CH2 1 
ATOM   602 N N   . ALA C 1 21 ? 7.513   3.522   -5.509  1.00 39.89  ? 20  ALA C N   1 
ATOM   603 C CA  . ALA C 1 21 ? 6.308   4.028   -6.165  1.00 40.89  ? 20  ALA C CA  1 
ATOM   604 C C   . ALA C 1 21 ? 6.235   5.553   -6.046  1.00 37.60  ? 20  ALA C C   1 
ATOM   605 O O   . ALA C 1 21 ? 5.967   6.246   -7.013  1.00 39.97  ? 20  ALA C O   1 
ATOM   606 C CB  . ALA C 1 21 ? 5.059   3.380   -5.560  1.00 46.21  ? 20  ALA C CB  1 
ATOM   607 N N   . LEU C 1 22 ? 6.495   6.065   -4.852  1.00 43.66  ? 21  LEU C N   1 
ATOM   608 C CA  . LEU C 1 22 ? 6.500   7.513   -4.625  1.00 50.05  ? 21  LEU C CA  1 
ATOM   609 C C   . LEU C 1 22 ? 7.526   8.214   -5.517  1.00 50.05  ? 21  LEU C C   1 
ATOM   610 O O   . LEU C 1 22 ? 7.233   9.241   -6.129  1.00 50.79  ? 21  LEU C O   1 
ATOM   611 C CB  . LEU C 1 22 ? 6.806   7.820   -3.162  1.00 49.79  ? 21  LEU C CB  1 
ATOM   612 C CG  . LEU C 1 22 ? 6.745   9.308   -2.834  1.00 68.65  ? 21  LEU C CG  1 
ATOM   613 C CD1 . LEU C 1 22 ? 5.291   9.715   -2.801  1.00 68.54  ? 21  LEU C CD1 1 
ATOM   614 C CD2 . LEU C 1 22 ? 7.442   9.627   -1.515  1.00 65.86  ? 21  LEU C CD2 1 
ATOM   615 N N   . LYS C 1 23 ? 8.727   7.650   -5.601  1.00 42.07  ? 22  LYS C N   1 
ATOM   616 C CA  . LYS C 1 23 ? 9.776   8.246   -6.432  1.00 47.78  ? 22  LYS C CA  1 
ATOM   617 C C   . LYS C 1 23 ? 9.318   8.376   -7.882  1.00 49.45  ? 22  LYS C C   1 
ATOM   618 O O   . LYS C 1 23 ? 9.518   9.400   -8.532  1.00 50.81  ? 22  LYS C O   1 
ATOM   619 C CB  . LYS C 1 23 ? 11.068  7.424   -6.362  1.00 45.10  ? 22  LYS C CB  1 
ATOM   620 C CG  . LYS C 1 23 ? 12.185  8.031   -7.213  1.00 67.95  ? 22  LYS C CG  1 
ATOM   621 C CD  . LYS C 1 23 ? 13.435  7.165   -7.303  1.00 61.76  ? 22  LYS C CD  1 
ATOM   622 C CE  . LYS C 1 23 ? 14.660  8.014   -7.607  0.00 58.30  ? 22  LYS C CE  1 
ATOM   623 N NZ  . LYS C 1 23 ? 15.879  7.188   -7.821  0.00 60.04  ? 22  LYS C NZ  1 
ATOM   624 N N   . GLU C 1 24 ? 8.669   7.336   -8.374  1.00 47.43  ? 23  GLU C N   1 
ATOM   625 C CA  . GLU C 1 24 ? 8.210   7.338   -9.747  1.00 48.38  ? 23  GLU C CA  1 
ATOM   626 C C   . GLU C 1 24 ? 7.118   8.403   -9.975  1.00 45.64  ? 23  GLU C C   1 
ATOM   627 O O   . GLU C 1 24 ? 7.068   9.051   -11.021 1.00 52.76  ? 23  GLU C O   1 
ATOM   628 C CB  . GLU C 1 24 ? 7.709   5.930   -10.115 1.00 36.56  ? 23  GLU C CB  1 
ATOM   629 C CG  . GLU C 1 24 ? 7.278   5.802   -11.552 1.00 48.72  ? 23  GLU C CG  1 
ATOM   630 C CD  . GLU C 1 24 ? 6.852   4.375   -11.922 1.00 67.23  ? 23  GLU C CD  1 
ATOM   631 O OE1 . GLU C 1 24 ? 6.009   4.230   -12.837 1.00 72.27  ? 23  GLU C OE1 1 
ATOM   632 O OE2 . GLU C 1 24 ? 7.350   3.405   -11.304 1.00 61.44  ? 23  GLU C OE2 1 
ATOM   633 N N   . LEU C 1 25 ? 6.236   8.580   -8.995  1.00 49.95  ? 24  LEU C N   1 
ATOM   634 C CA  . LEU C 1 25 ? 5.186   9.598   -9.103  1.00 48.79  ? 24  LEU C CA  1 
ATOM   635 C C   . LEU C 1 25 ? 5.790   11.007  -9.043  1.00 42.06  ? 24  LEU C C   1 
ATOM   636 O O   . LEU C 1 25 ? 5.420   11.881  -9.824  1.00 43.91  ? 24  LEU C O   1 
ATOM   637 C CB  . LEU C 1 25 ? 4.136   9.412   -8.000  1.00 49.45  ? 24  LEU C CB  1 
ATOM   638 C CG  . LEU C 1 25 ? 2.996   10.425  -7.950  1.00 44.02  ? 24  LEU C CG  1 
ATOM   639 C CD1 . LEU C 1 25 ? 2.223   10.441  -9.249  1.00 42.44  ? 24  LEU C CD1 1 
ATOM   640 C CD2 . LEU C 1 25 ? 2.088   10.082  -6.803  1.00 40.55  ? 24  LEU C CD2 1 
ATOM   641 N N   . ALA C 1 26 ? 6.729   11.216  -8.125  1.00 44.82  ? 25  ALA C N   1 
ATOM   642 C CA  . ALA C 1 26 ? 7.429   12.500  -8.033  1.00 46.10  ? 25  ALA C CA  1 
ATOM   643 C C   . ALA C 1 26 ? 8.054   12.847  -9.367  1.00 52.37  ? 25  ALA C C   1 
ATOM   644 O O   . ALA C 1 26 ? 7.910   13.962  -9.864  1.00 56.82  ? 25  ALA C O   1 
ATOM   645 C CB  . ALA C 1 26 ? 8.489   12.459  -6.960  1.00 42.48  ? 25  ALA C CB  1 
ATOM   646 N N   . GLN C 1 27 ? 8.735   11.879  -9.959  1.00 52.58  ? 26  GLN C N   1 
ATOM   647 C CA  . GLN C 1 27 ? 9.364   12.121  -11.242 1.00 57.60  ? 26  GLN C CA  1 
ATOM   648 C C   . GLN C 1 27 ? 8.328   12.422  -12.327 1.00 52.33  ? 26  GLN C C   1 
ATOM   649 O O   . GLN C 1 27 ? 8.550   13.295  -13.162 1.00 60.35  ? 26  GLN C O   1 
ATOM   650 C CB  . GLN C 1 27 ? 10.266  10.939  -11.621 1.00 56.06  ? 26  GLN C CB  1 
ATOM   651 C CG  . GLN C 1 27 ? 11.725  11.211  -11.251 0.00 53.97  ? 26  GLN C CG  1 
ATOM   652 C CD  . GLN C 1 27 ? 12.599  9.977   -11.274 0.00 53.85  ? 26  GLN C CD  1 
ATOM   653 O OE1 . GLN C 1 27 ? 12.350  9.036   -12.026 0.00 53.59  ? 26  GLN C OE1 1 
ATOM   654 N NE2 . GLN C 1 27 ? 13.640  9.977   -10.447 0.00 54.23  ? 26  GLN C NE2 1 
ATOM   655 N N   . ALA C 1 28 ? 7.180   11.753  -12.302 1.00 56.62  ? 27  ALA C N   1 
ATOM   656 C CA  . ALA C 1 28 ? 6.124   12.075  -13.273 1.00 52.25  ? 27  ALA C CA  1 
ATOM   657 C C   . ALA C 1 28 ? 5.582   13.504  -13.102 1.00 54.67  ? 27  ALA C C   1 
ATOM   658 O O   . ALA C 1 28 ? 5.136   14.127  -14.064 1.00 59.62  ? 27  ALA C O   1 
ATOM   659 C CB  . ALA C 1 28 ? 4.996   11.090  -13.167 1.00 53.53  ? 27  ALA C CB  1 
ATOM   660 N N   . LEU C 1 29 ? 5.626   14.015  -11.877 1.00 54.33  ? 28  LEU C N   1 
ATOM   661 C CA  . LEU C 1 29 ? 5.118   15.356  -11.581 1.00 64.90  ? 28  LEU C CA  1 
ATOM   662 C C   . LEU C 1 29 ? 6.132   16.468  -11.919 1.00 69.49  ? 28  LEU C C   1 
ATOM   663 O O   . LEU C 1 29 ? 6.161   17.509  -11.265 1.00 77.50  ? 28  LEU C O   1 
ATOM   664 C CB  . LEU C 1 29 ? 4.714   15.456  -10.102 1.00 52.58  ? 28  LEU C CB  1 
ATOM   665 C CG  . LEU C 1 29 ? 3.533   14.622  -9.612  1.00 45.17  ? 28  LEU C CG  1 
ATOM   666 C CD1 . LEU C 1 29 ? 3.611   14.368  -8.106  1.00 46.65  ? 28  LEU C CD1 1 
ATOM   667 C CD2 . LEU C 1 29 ? 2.231   15.303  -9.959  1.00 39.32  ? 28  LEU C CD2 1 
ATOM   668 N N   . LYS C 1 30 ? 6.967   16.241  -12.929 1.00 79.50  ? 29  LYS C N   1 
ATOM   669 C CA  . LYS C 1 30 ? 7.831   17.296  -13.457 1.00 76.28  ? 29  LYS C CA  1 
ATOM   670 C C   . LYS C 1 30 ? 7.769   17.338  -14.979 1.00 73.14  ? 29  LYS C C   1 
ATOM   671 O O   . LYS C 1 30 ? 7.777   16.298  -15.636 1.00 76.21  ? 29  LYS C O   1 
ATOM   672 C CB  . LYS C 1 30 ? 9.272   17.100  -13.009 1.00 74.61  ? 29  LYS C CB  1 
ATOM   673 C CG  . LYS C 1 30 ? 9.450   16.909  -11.525 1.00 65.91  ? 29  LYS C CG  1 
ATOM   674 C CD  . LYS C 1 30 ? 10.927  16.874  -11.168 1.00 66.10  ? 29  LYS C CD  1 
ATOM   675 C CE  . LYS C 1 30 ? 11.743  17.803  -12.049 0.00 69.65  ? 29  LYS C CE  1 
ATOM   676 N NZ  . LYS C 1 30 ? 11.544  19.234  -11.676 0.00 70.96  ? 29  LYS C NZ  1 
HETATM 677 O O   . HOH D 2 .  ? -14.450 4.576   -6.119  1.00 66.08  ? 101 HOH A O   1 
HETATM 678 O O   . HOH D 2 .  ? -8.037  1.590   -20.669 1.00 51.96  ? 102 HOH A O   1 
HETATM 679 O O   . HOH D 2 .  ? -12.367 1.910   5.043   1.00 67.74  ? 103 HOH A O   1 
HETATM 680 O O   . HOH D 2 .  ? -17.145 -0.174  -8.198  1.00 66.01  ? 104 HOH A O   1 
HETATM 681 O O   . HOH D 2 .  ? -9.262  15.111  -15.896 1.00 69.11  ? 105 HOH A O   1 
HETATM 682 O O   . HOH D 2 .  ? 2.917   -5.314  22.411  0.50 85.97  ? 106 HOH A O   1 
HETATM 683 O O   . HOH E 2 .  ? -6.257  1.599   -14.079 1.00 64.73  ? 101 HOH B O   1 
HETATM 684 O O   . HOH E 2 .  ? -0.898  -2.081  -10.458 1.00 67.90  ? 102 HOH B O   1 
HETATM 685 O O   . HOH E 2 .  ? -5.809  -1.323  -13.317 1.00 66.44  ? 103 HOH B O   1 
HETATM 686 O O   . HOH E 2 .  ? -2.734  13.774  -17.969 1.00 71.46  ? 104 HOH B O   1 
HETATM 687 O O   . HOH F 2 .  ? 6.752   -0.149  -6.221  1.00 56.28  ? 101 HOH C O   1 
HETATM 688 O O   . HOH F 2 .  ? 8.029   16.333  -7.972  1.00 64.41  ? 102 HOH C O   1 
HETATM 689 O O   . HOH F 2 .  ? 8.677   4.639   2.771   1.00 67.22  ? 103 HOH C O   1 
HETATM 690 O O   . HOH F 2 .  ? 12.335  1.717   3.130   1.00 67.75  ? 104 HOH C O   1 
# 
